data_7EBT
#
_entry.id   7EBT
#
_cell.length_a   151.877
_cell.length_b   151.877
_cell.length_c   147.301
_cell.angle_alpha   90.000
_cell.angle_beta   90.000
_cell.angle_gamma   90.000
#
_symmetry.space_group_name_H-M   'I 41 2 2'
#
loop_
_entity.id
_entity.type
_entity.pdbx_description
1 polymer 'Glutathione transferase'
2 non-polymer GLUTATHIONE
3 non-polymer 'CALCIUM ION'
4 water water
#
_entity_poly.entity_id   1
_entity_poly.type   'polypeptide(L)'
_entity_poly.pdbx_seq_one_letter_code
;MNHKVHMMSKPVLYYDDISPPVRGVLLTVAALGIKDQVELKLVRLFEREHLLEDFVKLNPLHAVPVLKHDDLVLTDSHAI
IMYLCDIFGQDGDFSLKDPKQRARVHNRLCFNNAVLFQRESIVMRGLINRSIVTLEDHHLKPVQEAYDCLEVYLTNSKFV
ACDQLTVADFPIVACMSTVGMVCPLSTSRWPKTAAWFETMKQLPYYQQANQVGVDKLKERLHAVMKK
;
_entity_poly.pdbx_strand_id   A,B,C,D
#
# COMPACT_ATOMS: atom_id res chain seq x y z
N MET A 8 -6.74 5.09 26.26
CA MET A 8 -7.96 5.63 25.65
C MET A 8 -7.68 6.00 24.19
N SER A 9 -7.39 7.27 23.96
CA SER A 9 -7.07 7.78 22.63
C SER A 9 -5.57 7.97 22.51
N LYS A 10 -4.98 7.46 21.40
CA LYS A 10 -3.53 7.46 21.22
C LYS A 10 -3.10 8.66 20.38
N PRO A 11 -2.11 9.41 20.85
CA PRO A 11 -1.52 10.44 19.98
C PRO A 11 -0.90 9.81 18.73
N VAL A 12 -0.96 10.55 17.63
CA VAL A 12 -0.35 10.17 16.35
C VAL A 12 0.79 11.13 16.07
N LEU A 13 2.00 10.58 15.89
CA LEU A 13 3.20 11.36 15.57
C LEU A 13 3.49 11.26 14.06
N TYR A 14 3.43 12.40 13.37
CA TYR A 14 3.75 12.50 11.95
C TYR A 14 5.24 12.81 11.85
N TYR A 15 6.00 11.97 11.13
CA TYR A 15 7.44 11.99 11.35
C TYR A 15 8.22 11.51 10.13
N ASP A 16 9.50 11.92 10.11
CA ASP A 16 10.55 11.40 9.23
C ASP A 16 11.84 11.44 10.03
N ASP A 17 12.49 10.29 10.27
CA ASP A 17 13.58 10.32 11.25
C ASP A 17 14.90 10.85 10.69
N ILE A 18 14.96 11.31 9.44
CA ILE A 18 16.17 12.03 9.08
C ILE A 18 16.24 13.39 9.77
N SER A 19 15.09 13.90 10.25
CA SER A 19 14.96 15.23 10.85
C SER A 19 15.42 15.23 12.31
N PRO A 20 16.33 16.12 12.72
CA PRO A 20 16.71 16.18 14.15
C PRO A 20 15.52 16.51 15.05
N PRO A 21 14.65 17.48 14.70
CA PRO A 21 13.46 17.67 15.54
C PRO A 21 12.65 16.40 15.76
N VAL A 22 12.46 15.59 14.71
CA VAL A 22 11.73 14.33 14.84
C VAL A 22 12.45 13.40 15.79
N ARG A 23 13.77 13.28 15.64
CA ARG A 23 14.52 12.35 16.46
C ARG A 23 14.55 12.79 17.92
N GLY A 24 14.48 14.10 18.20
CA GLY A 24 14.30 14.51 19.58
C GLY A 24 13.05 13.92 20.19
N VAL A 25 11.98 13.83 19.39
CA VAL A 25 10.73 13.25 19.87
C VAL A 25 10.86 11.74 19.99
N LEU A 26 11.47 11.08 18.99
CA LEU A 26 11.58 9.62 19.06
C LEU A 26 12.39 9.19 20.28
N LEU A 27 13.47 9.92 20.58
CA LEU A 27 14.23 9.65 21.80
C LEU A 27 13.36 9.83 23.04
N THR A 28 12.57 10.90 23.07
CA THR A 28 11.68 11.15 24.21
C THR A 28 10.67 10.02 24.37
N VAL A 29 10.07 9.59 23.25
CA VAL A 29 9.08 8.52 23.29
C VAL A 29 9.69 7.25 23.89
N ALA A 30 10.89 6.91 23.45
CA ALA A 30 11.57 5.72 23.98
C ALA A 30 11.93 5.91 25.46
N ALA A 31 12.41 7.09 25.82
CA ALA A 31 12.87 7.30 27.19
C ALA A 31 11.72 7.26 28.19
N LEU A 32 10.54 7.72 27.77
CA LEU A 32 9.34 7.71 28.58
C LEU A 32 8.68 6.33 28.62
N GLY A 33 9.16 5.38 27.83
CA GLY A 33 8.56 4.05 27.77
C GLY A 33 7.17 4.03 27.17
N ILE A 34 6.93 4.83 26.12
CA ILE A 34 5.58 4.97 25.60
C ILE A 34 5.52 4.69 24.10
N LYS A 35 6.47 3.90 23.59
CA LYS A 35 6.44 3.54 22.17
C LYS A 35 5.11 2.90 21.78
N ASP A 36 4.51 2.11 22.67
CA ASP A 36 3.26 1.44 22.36
C ASP A 36 2.04 2.33 22.53
N GLN A 37 2.20 3.55 23.08
CA GLN A 37 1.09 4.45 23.27
C GLN A 37 1.01 5.54 22.21
N VAL A 38 2.01 5.66 21.35
CA VAL A 38 2.09 6.72 20.35
C VAL A 38 2.19 6.06 18.98
N GLU A 39 1.16 6.24 18.15
CA GLU A 39 1.15 5.71 16.80
C GLU A 39 1.99 6.60 15.90
N LEU A 40 2.66 5.98 14.97
CA LEU A 40 3.52 6.69 14.04
C LEU A 40 2.84 6.79 12.68
N LYS A 41 3.03 7.91 12.00
CA LYS A 41 2.59 8.08 10.62
C LYS A 41 3.74 8.70 9.85
N LEU A 42 4.31 7.93 8.93
CA LEU A 42 5.46 8.38 8.16
C LEU A 42 5.06 9.47 7.18
N VAL A 43 5.81 10.57 7.19
CA VAL A 43 5.66 11.67 6.24
C VAL A 43 7.05 11.90 5.65
N ARG A 44 7.30 11.35 4.46
CA ARG A 44 8.64 11.30 3.89
C ARG A 44 9.00 12.63 3.22
N LEU A 45 9.98 13.33 3.77
CA LEU A 45 10.35 14.65 3.26
C LEU A 45 10.95 14.58 1.85
N PHE A 46 11.85 13.63 1.61
CA PHE A 46 12.49 13.58 0.31
C PHE A 46 11.50 13.22 -0.80
N GLU A 47 10.36 12.65 -0.45
CA GLU A 47 9.38 12.34 -1.49
C GLU A 47 8.28 13.38 -1.56
N ARG A 48 8.39 14.43 -0.74
CA ARG A 48 7.52 15.61 -0.71
C ARG A 48 6.13 15.30 -0.15
N GLU A 49 6.04 14.31 0.74
CA GLU A 49 4.77 13.99 1.37
C GLU A 49 4.32 15.08 2.33
N HIS A 50 5.24 15.94 2.79
CA HIS A 50 4.85 17.03 3.66
C HIS A 50 4.17 18.16 2.91
N LEU A 51 4.11 18.08 1.58
CA LEU A 51 3.45 19.11 0.79
C LEU A 51 2.08 18.69 0.28
N LEU A 52 1.63 17.49 0.65
CA LEU A 52 0.30 17.04 0.29
C LEU A 52 -0.75 17.90 0.98
N GLU A 53 -1.91 18.02 0.34
CA GLU A 53 -2.95 18.93 0.85
C GLU A 53 -3.36 18.57 2.28
N ASP A 54 -3.56 17.28 2.57
CA ASP A 54 -3.99 16.91 3.93
C ASP A 54 -2.96 17.36 4.96
N PHE A 55 -1.68 17.21 4.66
CA PHE A 55 -0.69 17.54 5.68
C PHE A 55 -0.55 19.05 5.83
N VAL A 56 -0.64 19.81 4.73
CA VAL A 56 -0.58 21.27 4.81
C VAL A 56 -1.78 21.79 5.60
N LYS A 57 -2.94 21.14 5.47
CA LYS A 57 -4.10 21.57 6.26
C LYS A 57 -3.85 21.30 7.75
N LEU A 58 -3.20 20.17 8.05
CA LEU A 58 -2.85 19.83 9.42
C LEU A 58 -1.83 20.81 9.99
N ASN A 59 -0.85 21.21 9.17
CA ASN A 59 0.26 22.04 9.62
C ASN A 59 0.66 22.98 8.48
N PRO A 60 0.27 24.25 8.52
CA PRO A 60 0.63 25.17 7.43
C PRO A 60 2.13 25.39 7.29
N LEU A 61 2.91 25.07 8.33
CA LEU A 61 4.37 25.12 8.22
C LEU A 61 4.92 23.99 7.36
N HIS A 62 4.06 23.03 6.98
CA HIS A 62 4.45 21.87 6.17
C HIS A 62 5.77 21.25 6.63
N ALA A 63 5.83 20.95 7.93
CA ALA A 63 7.06 20.45 8.53
C ALA A 63 6.76 19.33 9.50
N VAL A 64 7.78 18.50 9.76
CA VAL A 64 7.66 17.41 10.73
C VAL A 64 8.60 17.72 11.90
N PRO A 65 8.28 17.29 13.11
CA PRO A 65 7.13 16.47 13.50
C PRO A 65 5.84 17.24 13.80
N VAL A 66 4.73 16.52 13.71
CA VAL A 66 3.42 16.98 14.13
C VAL A 66 2.84 15.91 15.04
N LEU A 67 2.17 16.32 16.11
CA LEU A 67 1.44 15.40 16.98
C LEU A 67 -0.04 15.76 16.96
N LYS A 68 -0.89 14.78 16.65
CA LYS A 68 -2.32 14.96 16.79
C LYS A 68 -2.80 14.08 17.94
N HIS A 69 -3.52 14.69 18.88
CA HIS A 69 -4.12 13.96 19.99
C HIS A 69 -5.54 14.46 20.15
N ASP A 70 -6.52 13.64 19.73
CA ASP A 70 -7.89 14.11 19.58
C ASP A 70 -7.91 15.33 18.66
N ASP A 71 -8.38 16.47 19.15
CA ASP A 71 -8.42 17.68 18.34
C ASP A 71 -7.20 18.58 18.55
N LEU A 72 -6.28 18.18 19.42
CA LEU A 72 -5.07 18.96 19.64
C LEU A 72 -4.05 18.65 18.54
N VAL A 73 -3.53 19.71 17.92
CA VAL A 73 -2.52 19.55 16.88
C VAL A 73 -1.29 20.36 17.29
N LEU A 74 -0.19 19.68 17.61
CA LEU A 74 1.06 20.35 17.98
C LEU A 74 2.01 20.28 16.79
N THR A 75 2.67 21.40 16.50
CA THR A 75 3.44 21.57 15.27
C THR A 75 4.85 22.06 15.56
N ASP A 76 5.41 21.64 16.69
CA ASP A 76 6.80 21.89 17.03
C ASP A 76 7.23 20.77 17.96
N SER A 77 8.36 20.13 17.62
CA SER A 77 8.91 19.04 18.41
C SER A 77 9.02 19.39 19.90
N HIS A 78 9.36 20.65 20.20
CA HIS A 78 9.60 21.02 21.59
C HIS A 78 8.29 21.09 22.37
N ALA A 79 7.21 21.52 21.72
CA ALA A 79 5.88 21.47 22.32
C ALA A 79 5.38 20.04 22.43
N ILE A 80 5.65 19.21 21.43
CA ILE A 80 5.29 17.79 21.50
C ILE A 80 5.96 17.13 22.70
N ILE A 81 7.24 17.42 22.90
CA ILE A 81 7.98 16.76 23.96
C ILE A 81 7.44 17.16 25.33
N MET A 82 7.16 18.45 25.56
CA MET A 82 6.63 18.84 26.87
C MET A 82 5.24 18.27 27.09
N TYR A 83 4.42 18.21 26.05
CA TYR A 83 3.09 17.64 26.20
C TYR A 83 3.16 16.16 26.56
N LEU A 84 4.00 15.39 25.88
CA LEU A 84 4.12 13.96 26.19
C LEU A 84 4.60 13.76 27.62
N CYS A 85 5.48 14.64 28.10
CA CYS A 85 5.89 14.60 29.50
C CYS A 85 4.71 14.82 30.43
N ASP A 86 3.85 15.78 30.10
CA ASP A 86 2.75 16.13 30.98
C ASP A 86 1.74 14.98 31.08
N ILE A 87 1.45 14.31 29.96
CA ILE A 87 0.37 13.35 30.00
C ILE A 87 0.86 11.92 30.25
N PHE A 88 2.14 11.62 30.01
CA PHE A 88 2.68 10.28 30.26
C PHE A 88 3.77 10.20 31.32
N GLY A 89 4.42 11.30 31.67
CA GLY A 89 5.60 11.20 32.51
C GLY A 89 5.53 11.84 33.87
N GLN A 90 4.32 12.17 34.34
CA GLN A 90 4.19 12.94 35.57
C GLN A 90 4.80 12.25 36.79
N ASP A 91 4.77 10.92 36.83
CA ASP A 91 5.17 10.19 38.03
C ASP A 91 6.48 9.44 37.85
N GLY A 92 7.33 9.88 36.92
CA GLY A 92 8.58 9.18 36.64
C GLY A 92 9.80 10.06 36.67
N ASP A 93 10.93 9.52 36.18
CA ASP A 93 12.22 10.21 36.23
C ASP A 93 12.29 11.44 35.35
N PHE A 94 11.33 11.63 34.45
CA PHE A 94 11.32 12.74 33.50
C PHE A 94 10.25 13.78 33.84
N SER A 95 9.74 13.74 35.06
CA SER A 95 8.58 14.55 35.44
C SER A 95 8.90 16.04 35.37
N LEU A 96 7.91 16.82 34.92
CA LEU A 96 8.01 18.27 34.89
C LEU A 96 7.02 18.93 35.86
N LYS A 97 6.59 18.21 36.90
CA LYS A 97 5.57 18.74 37.80
C LYS A 97 6.04 19.97 38.58
N ASP A 98 7.32 20.02 38.93
CA ASP A 98 7.82 21.16 39.71
C ASP A 98 8.05 22.37 38.79
N PRO A 99 7.55 23.55 39.16
CA PRO A 99 7.63 24.70 38.24
C PRO A 99 9.04 25.14 37.89
N LYS A 100 9.97 25.14 38.85
CA LYS A 100 11.33 25.52 38.50
C LYS A 100 12.01 24.47 37.62
N GLN A 101 11.79 23.18 37.92
CA GLN A 101 12.32 22.14 37.05
C GLN A 101 11.74 22.23 35.65
N ARG A 102 10.44 22.49 35.55
CA ARG A 102 9.83 22.64 34.24
C ARG A 102 10.47 23.80 33.47
N ALA A 103 10.73 24.92 34.16
CA ALA A 103 11.35 26.06 33.50
C ALA A 103 12.79 25.77 33.09
N ARG A 104 13.55 25.05 33.92
CA ARG A 104 14.93 24.72 33.52
C ARG A 104 14.93 23.91 32.25
N VAL A 105 14.02 22.94 32.16
CA VAL A 105 13.94 22.08 30.99
C VAL A 105 13.47 22.88 29.79
N HIS A 106 12.40 23.65 29.97
CA HIS A 106 11.89 24.47 28.88
C HIS A 106 12.96 25.45 28.39
N ASN A 107 13.73 26.04 29.32
CA ASN A 107 14.82 26.93 28.93
C ASN A 107 15.78 26.28 27.95
N ARG A 108 16.14 25.02 28.20
CA ARG A 108 17.07 24.37 27.28
C ARG A 108 16.40 23.87 26.02
N LEU A 109 15.10 23.54 26.07
CA LEU A 109 14.36 23.28 24.83
C LEU A 109 14.38 24.50 23.93
N CYS A 110 14.16 25.69 24.51
CA CYS A 110 14.24 26.93 23.74
C CYS A 110 15.63 27.14 23.15
N PHE A 111 16.68 26.83 23.93
CA PHE A 111 18.03 26.91 23.38
C PHE A 111 18.16 26.05 22.14
N ASN A 112 17.66 24.81 22.19
CA ASN A 112 17.77 23.97 21.01
C ASN A 112 16.97 24.56 19.85
N ASN A 113 15.71 24.91 20.10
CA ASN A 113 14.85 25.33 19.00
C ASN A 113 15.36 26.63 18.37
N ALA A 114 15.75 27.61 19.20
CA ALA A 114 16.03 28.95 18.72
C ALA A 114 17.51 29.22 18.46
N VAL A 115 18.41 28.36 18.95
CA VAL A 115 19.85 28.59 18.77
C VAL A 115 20.48 27.42 18.03
N LEU A 116 20.63 26.27 18.70
CA LEU A 116 21.38 25.16 18.11
C LEU A 116 20.72 24.66 16.82
N PHE A 117 19.42 24.35 16.85
CA PHE A 117 18.78 23.82 15.65
C PHE A 117 18.79 24.85 14.53
N GLN A 118 18.50 26.13 14.85
CA GLN A 118 18.48 27.15 13.82
C GLN A 118 19.82 27.24 13.11
N ARG A 119 20.91 27.22 13.87
CA ARG A 119 22.22 27.42 13.28
C ARG A 119 22.70 26.18 12.55
N GLU A 120 22.44 24.99 13.10
CA GLU A 120 22.90 23.79 12.40
C GLU A 120 22.08 23.55 11.13
N SER A 121 20.77 23.83 11.17
N SER A 121 20.78 23.83 11.15
CA SER A 121 19.92 23.59 10.01
CA SER A 121 19.98 23.52 9.97
C SER A 121 20.36 24.43 8.81
C SER A 121 20.31 24.45 8.80
N ILE A 122 20.80 25.66 9.07
CA ILE A 122 21.27 26.52 7.99
C ILE A 122 22.43 25.85 7.25
N VAL A 123 23.38 25.28 8.00
CA VAL A 123 24.56 24.65 7.41
C VAL A 123 24.18 23.37 6.69
N MET A 124 23.37 22.53 7.34
CA MET A 124 23.05 21.23 6.76
C MET A 124 22.17 21.39 5.53
N ARG A 125 21.16 22.27 5.59
CA ARG A 125 20.33 22.48 4.41
C ARG A 125 21.13 23.08 3.27
N GLY A 126 22.06 23.99 3.59
CA GLY A 126 22.86 24.61 2.54
C GLY A 126 23.77 23.62 1.85
N LEU A 127 24.37 22.71 2.63
CA LEU A 127 25.18 21.67 2.02
C LEU A 127 24.33 20.76 1.13
N ILE A 128 23.12 20.43 1.59
CA ILE A 128 22.32 19.42 0.89
C ILE A 128 21.76 19.99 -0.42
N ASN A 129 21.40 21.28 -0.43
CA ASN A 129 20.90 21.88 -1.64
C ASN A 129 21.99 22.50 -2.51
N ARG A 130 23.26 22.28 -2.17
CA ARG A 130 24.44 22.66 -2.93
C ARG A 130 24.69 24.17 -2.95
N SER A 131 23.88 24.96 -2.24
CA SER A 131 24.16 26.40 -2.17
C SER A 131 25.47 26.68 -1.44
N ILE A 132 25.88 25.78 -0.54
CA ILE A 132 27.22 25.78 0.04
C ILE A 132 27.98 24.62 -0.60
N VAL A 133 29.04 24.94 -1.32
CA VAL A 133 29.88 23.94 -1.95
C VAL A 133 31.21 23.74 -1.24
N THR A 134 31.55 24.62 -0.29
CA THR A 134 32.79 24.50 0.47
C THR A 134 32.58 25.15 1.83
N LEU A 135 32.73 24.36 2.90
CA LEU A 135 32.58 24.88 4.25
C LEU A 135 33.77 25.76 4.59
N GLU A 136 33.51 27.02 4.92
CA GLU A 136 34.54 27.94 5.38
C GLU A 136 34.29 28.32 6.84
N ASP A 137 35.27 29.03 7.41
CA ASP A 137 35.21 29.39 8.83
C ASP A 137 33.89 30.10 9.16
N HIS A 138 33.45 31.00 8.30
CA HIS A 138 32.27 31.79 8.61
C HIS A 138 31.01 30.93 8.67
N HIS A 139 30.99 29.80 7.96
CA HIS A 139 29.81 28.94 7.98
C HIS A 139 29.60 28.31 9.34
N LEU A 140 30.69 27.98 10.04
CA LEU A 140 30.63 27.13 11.22
C LEU A 140 30.75 27.91 12.52
N LYS A 141 31.10 29.20 12.45
CA LYS A 141 31.25 29.99 13.67
C LYS A 141 29.98 30.01 14.52
N PRO A 142 28.77 30.25 13.97
CA PRO A 142 27.58 30.21 14.85
C PRO A 142 27.37 28.87 15.53
N VAL A 143 27.65 27.76 14.83
CA VAL A 143 27.52 26.44 15.48
C VAL A 143 28.54 26.30 16.62
N GLN A 144 29.78 26.75 16.37
CA GLN A 144 30.81 26.66 17.40
C GLN A 144 30.45 27.52 18.61
N GLU A 145 29.83 28.68 18.38
CA GLU A 145 29.37 29.51 19.48
C GLU A 145 28.28 28.80 20.28
N ALA A 146 27.42 28.04 19.60
CA ALA A 146 26.42 27.26 20.31
C ALA A 146 27.06 26.14 21.11
N TYR A 147 28.09 25.50 20.56
CA TYR A 147 28.86 24.52 21.35
C TYR A 147 29.44 25.17 22.59
N ASP A 148 29.99 26.38 22.46
CA ASP A 148 30.54 27.08 23.61
C ASP A 148 29.49 27.26 24.72
N CYS A 149 28.26 27.60 24.34
CA CYS A 149 27.20 27.75 25.34
C CYS A 149 26.87 26.42 25.97
N LEU A 150 26.74 25.38 25.14
CA LEU A 150 26.46 24.04 25.66
C LEU A 150 27.54 23.60 26.65
N GLU A 151 28.80 23.89 26.34
CA GLU A 151 29.91 23.54 27.24
C GLU A 151 29.76 24.23 28.59
N VAL A 152 29.33 25.50 28.59
CA VAL A 152 29.05 26.17 29.87
C VAL A 152 27.95 25.43 30.62
N TYR A 153 26.85 25.10 29.94
CA TYR A 153 25.75 24.45 30.63
C TYR A 153 26.22 23.12 31.24
N LEU A 154 27.05 22.38 30.52
CA LEU A 154 27.47 21.07 30.97
C LEU A 154 28.64 21.14 31.93
N THR A 155 29.20 22.33 32.14
CA THR A 155 30.11 22.54 33.24
C THR A 155 29.36 22.75 34.55
N ASN A 156 28.23 23.43 34.49
CA ASN A 156 27.45 23.74 35.68
C ASN A 156 26.48 22.65 36.09
N SER A 157 26.08 21.76 35.18
CA SER A 157 25.28 20.62 35.56
C SER A 157 25.72 19.42 34.74
N LYS A 158 25.38 18.23 35.24
CA LYS A 158 25.90 17.02 34.61
C LYS A 158 25.24 16.77 33.26
N PHE A 159 23.95 17.08 33.15
CA PHE A 159 23.21 17.02 31.90
C PHE A 159 22.81 18.44 31.52
N VAL A 160 22.09 18.60 30.41
CA VAL A 160 21.97 19.96 29.87
C VAL A 160 21.17 20.89 30.78
N ALA A 161 20.19 20.39 31.51
CA ALA A 161 19.29 21.26 32.27
C ALA A 161 19.48 21.15 33.77
N CYS A 162 20.09 20.08 34.24
CA CYS A 162 20.29 19.82 35.66
C CYS A 162 21.18 18.59 35.74
N ASP A 163 21.37 18.08 36.96
CA ASP A 163 22.30 16.98 37.13
C ASP A 163 21.69 15.63 36.75
N GLN A 164 20.41 15.59 36.40
CA GLN A 164 19.76 14.38 35.91
C GLN A 164 19.47 14.53 34.42
N LEU A 165 19.45 13.40 33.73
CA LEU A 165 18.94 13.38 32.37
C LEU A 165 17.49 13.86 32.33
N THR A 166 17.17 14.76 31.40
CA THR A 166 15.81 15.25 31.20
C THR A 166 15.45 15.16 29.72
N VAL A 167 14.20 15.50 29.41
CA VAL A 167 13.83 15.47 28.00
C VAL A 167 14.55 16.55 27.22
N ALA A 168 15.12 17.56 27.88
CA ALA A 168 15.86 18.57 27.12
C ALA A 168 17.14 18.04 26.51
N ASP A 169 17.70 16.95 27.06
CA ASP A 169 18.90 16.37 26.47
C ASP A 169 18.64 15.77 25.08
N PHE A 170 17.38 15.46 24.77
CA PHE A 170 17.12 14.67 23.55
C PHE A 170 17.11 15.52 22.28
N PRO A 171 16.39 16.67 22.22
CA PRO A 171 16.50 17.50 21.01
C PRO A 171 17.93 17.95 20.77
N ILE A 172 18.65 18.27 21.85
CA ILE A 172 20.04 18.74 21.70
C ILE A 172 20.94 17.63 21.15
N VAL A 173 20.81 16.39 21.67
CA VAL A 173 21.68 15.36 21.11
C VAL A 173 21.28 15.01 19.68
N ALA A 174 19.98 15.11 19.34
CA ALA A 174 19.56 14.91 17.96
C ALA A 174 20.25 15.90 17.03
N CYS A 175 20.35 17.17 17.44
CA CYS A 175 21.06 18.17 16.66
C CYS A 175 22.56 17.92 16.65
N MET A 176 23.14 17.64 17.83
CA MET A 176 24.60 17.44 17.92
C MET A 176 25.06 16.27 17.05
N SER A 177 24.28 15.19 16.98
CA SER A 177 24.64 14.07 16.13
C SER A 177 24.41 14.34 14.65
N THR A 178 23.72 15.42 14.33
CA THR A 178 23.53 15.80 12.92
C THR A 178 24.66 16.70 12.44
N VAL A 179 24.83 17.85 13.10
CA VAL A 179 25.84 18.79 12.63
C VAL A 179 27.24 18.32 12.98
N GLY A 180 27.38 17.39 13.92
CA GLY A 180 28.68 16.77 14.19
C GLY A 180 29.31 16.15 12.97
N MET A 181 28.50 15.76 11.98
CA MET A 181 29.01 15.23 10.72
C MET A 181 29.91 16.23 9.99
N VAL A 182 29.65 17.52 10.14
CA VAL A 182 30.43 18.55 9.47
C VAL A 182 31.21 19.43 10.46
N CYS A 183 30.85 19.42 11.74
CA CYS A 183 31.47 20.28 12.75
C CYS A 183 31.69 19.42 13.98
N PRO A 184 32.68 18.53 13.94
CA PRO A 184 32.82 17.56 15.03
C PRO A 184 33.33 18.20 16.32
N LEU A 185 32.91 17.63 17.44
CA LEU A 185 33.38 18.10 18.74
C LEU A 185 34.84 17.76 18.92
N SER A 186 35.61 18.74 19.38
CA SER A 186 36.95 18.51 19.89
C SER A 186 36.89 18.29 21.41
N THR A 187 37.55 17.23 21.88
CA THR A 187 37.60 17.01 23.32
C THR A 187 38.45 18.07 24.01
N SER A 188 39.38 18.67 23.28
CA SER A 188 40.22 19.71 23.87
C SER A 188 39.43 21.00 24.08
N ARG A 189 38.61 21.37 23.10
CA ARG A 189 37.82 22.58 23.13
C ARG A 189 36.56 22.44 23.97
N TRP A 190 35.87 21.32 23.85
CA TRP A 190 34.58 21.12 24.51
C TRP A 190 34.56 19.81 25.28
N PRO A 191 35.40 19.68 26.31
CA PRO A 191 35.52 18.37 26.98
C PRO A 191 34.25 17.90 27.66
N LYS A 192 33.51 18.79 28.33
CA LYS A 192 32.29 18.34 29.00
C LYS A 192 31.23 17.95 27.98
N THR A 193 31.16 18.67 26.86
CA THR A 193 30.17 18.33 25.85
C THR A 193 30.51 17.02 25.16
N ALA A 194 31.80 16.79 24.88
CA ALA A 194 32.20 15.52 24.26
C ALA A 194 31.88 14.34 25.18
N ALA A 195 32.13 14.47 26.47
CA ALA A 195 31.83 13.37 27.37
C ALA A 195 30.33 13.17 27.53
N TRP A 196 29.55 14.26 27.56
CA TRP A 196 28.11 14.13 27.63
C TRP A 196 27.56 13.43 26.39
N PHE A 197 28.13 13.77 25.22
CA PHE A 197 27.69 13.19 23.95
C PHE A 197 27.96 11.68 23.92
N GLU A 198 29.16 11.27 24.33
CA GLU A 198 29.45 9.84 24.41
C GLU A 198 28.51 9.14 25.37
N THR A 199 28.18 9.78 26.49
CA THR A 199 27.25 9.18 27.42
C THR A 199 25.87 9.03 26.78
N MET A 200 25.43 10.04 26.01
CA MET A 200 24.10 9.94 25.43
C MET A 200 24.05 8.80 24.42
N LYS A 201 25.14 8.60 23.68
CA LYS A 201 25.22 7.55 22.65
C LYS A 201 25.15 6.15 23.24
N GLN A 202 25.33 6.00 24.55
CA GLN A 202 25.24 4.71 25.23
C GLN A 202 23.83 4.38 25.72
N LEU A 203 22.91 5.33 25.68
CA LEU A 203 21.53 5.04 26.06
C LEU A 203 21.00 3.89 25.19
N PRO A 204 20.26 2.95 25.77
CA PRO A 204 19.86 1.75 25.02
C PRO A 204 18.97 2.02 23.82
N TYR A 205 18.21 3.12 23.84
CA TYR A 205 17.31 3.46 22.74
C TYR A 205 17.94 4.42 21.73
N TYR A 206 19.20 4.80 21.92
CA TYR A 206 19.82 5.77 21.03
C TYR A 206 19.94 5.24 19.61
N GLN A 207 20.29 3.96 19.45
CA GLN A 207 20.55 3.44 18.11
C GLN A 207 19.28 3.51 17.25
N GLN A 208 18.18 2.98 17.78
CA GLN A 208 16.94 2.90 17.03
C GLN A 208 16.29 4.27 16.87
N ALA A 209 16.34 5.10 17.91
CA ALA A 209 15.57 6.33 17.88
C ALA A 209 16.34 7.45 17.19
N ASN A 210 17.65 7.38 17.18
CA ASN A 210 18.44 8.49 16.61
C ASN A 210 19.47 8.05 15.58
N GLN A 211 20.23 6.99 15.83
CA GLN A 211 21.33 6.68 14.92
C GLN A 211 20.83 6.25 13.54
N VAL A 212 19.71 5.53 13.49
CA VAL A 212 19.15 5.10 12.20
C VAL A 212 18.92 6.30 11.29
N GLY A 213 18.31 7.36 11.82
CA GLY A 213 18.07 8.53 10.99
C GLY A 213 19.32 9.30 10.65
N VAL A 214 20.27 9.37 11.59
CA VAL A 214 21.56 9.99 11.33
C VAL A 214 22.28 9.28 10.20
N ASP A 215 22.25 7.94 10.21
CA ASP A 215 22.89 7.16 9.15
C ASP A 215 22.29 7.49 7.80
N LYS A 216 20.96 7.64 7.73
CA LYS A 216 20.32 7.97 6.46
C LYS A 216 20.78 9.33 5.95
N LEU A 217 20.87 10.31 6.86
CA LEU A 217 21.33 11.64 6.48
C LEU A 217 22.77 11.61 6.02
N LYS A 218 23.61 10.87 6.73
CA LYS A 218 25.03 10.80 6.35
C LYS A 218 25.18 10.27 4.93
N GLU A 219 24.37 9.29 4.55
CA GLU A 219 24.41 8.75 3.19
C GLU A 219 24.04 9.81 2.16
N ARG A 220 23.01 10.61 2.44
CA ARG A 220 22.63 11.66 1.50
C ARG A 220 23.71 12.73 1.43
N LEU A 221 24.30 13.08 2.56
CA LEU A 221 25.36 14.11 2.57
C LEU A 221 26.56 13.63 1.74
N HIS A 222 27.00 12.41 1.99
CA HIS A 222 28.18 11.89 1.27
C HIS A 222 27.96 12.01 -0.24
N ALA A 223 26.79 11.62 -0.70
CA ALA A 223 26.51 11.66 -2.15
C ALA A 223 26.57 13.09 -2.69
N VAL A 224 25.87 14.03 -2.06
CA VAL A 224 25.90 15.45 -2.51
C VAL A 224 27.35 15.94 -2.54
N MET A 225 28.17 15.56 -1.57
CA MET A 225 29.47 16.22 -1.32
C MET A 225 30.59 15.54 -2.11
N LYS A 226 30.33 14.36 -2.66
CA LYS A 226 31.33 13.65 -3.49
C LYS A 226 31.42 14.32 -4.86
N VAL B 5 3.09 -11.93 -26.31
CA VAL B 5 4.27 -11.72 -25.49
C VAL B 5 3.96 -11.87 -24.00
N HIS B 6 4.73 -12.72 -23.32
CA HIS B 6 4.55 -12.91 -21.89
C HIS B 6 4.89 -11.64 -21.13
N MET B 7 4.09 -11.33 -20.11
CA MET B 7 4.39 -10.22 -19.23
C MET B 7 4.29 -10.73 -17.80
N MET B 8 5.17 -10.22 -16.94
N MET B 8 5.17 -10.26 -16.92
CA MET B 8 5.27 -10.74 -15.58
CA MET B 8 5.18 -10.84 -15.59
C MET B 8 4.06 -10.35 -14.74
C MET B 8 4.01 -10.36 -14.73
N SER B 9 3.71 -9.07 -14.72
CA SER B 9 2.69 -8.51 -13.86
C SER B 9 1.48 -8.02 -14.66
N LYS B 10 0.42 -7.64 -13.94
CA LYS B 10 -0.73 -6.98 -14.54
C LYS B 10 -0.44 -5.50 -14.75
N PRO B 11 -1.02 -4.88 -15.78
CA PRO B 11 -0.83 -3.43 -15.94
C PRO B 11 -1.45 -2.69 -14.78
N VAL B 12 -0.80 -1.60 -14.36
CA VAL B 12 -1.25 -0.75 -13.27
C VAL B 12 -1.59 0.61 -13.86
N LEU B 13 -2.84 1.03 -13.65
CA LEU B 13 -3.34 2.30 -14.18
C LEU B 13 -3.38 3.30 -13.02
N TYR B 14 -2.54 4.33 -13.11
CA TYR B 14 -2.55 5.44 -12.16
C TYR B 14 -3.57 6.46 -12.68
N TYR B 15 -4.55 6.83 -11.85
CA TYR B 15 -5.71 7.53 -12.37
C TYR B 15 -6.35 8.45 -11.32
N ASP B 16 -7.14 9.40 -11.83
CA ASP B 16 -8.09 10.21 -11.06
C ASP B 16 -9.27 10.47 -11.98
N ASP B 17 -10.48 10.08 -11.58
CA ASP B 17 -11.53 10.04 -12.59
C ASP B 17 -12.19 11.40 -12.85
N ILE B 18 -11.75 12.46 -12.18
CA ILE B 18 -12.20 13.78 -12.61
C ILE B 18 -11.65 14.11 -14.00
N SER B 19 -10.55 13.46 -14.40
CA SER B 19 -9.80 13.81 -15.61
C SER B 19 -10.45 13.18 -16.84
N PRO B 20 -10.71 13.97 -17.89
CA PRO B 20 -11.24 13.38 -19.15
C PRO B 20 -10.28 12.35 -19.73
N PRO B 21 -8.97 12.65 -19.85
CA PRO B 21 -8.04 11.59 -20.32
C PRO B 21 -8.16 10.29 -19.54
N VAL B 22 -8.29 10.38 -18.21
CA VAL B 22 -8.45 9.19 -17.39
C VAL B 22 -9.72 8.43 -17.77
N ARG B 23 -10.83 9.17 -17.91
CA ARG B 23 -12.12 8.52 -18.18
C ARG B 23 -12.15 7.89 -19.57
N GLY B 24 -11.37 8.41 -20.53
CA GLY B 24 -11.27 7.71 -21.79
C GLY B 24 -10.72 6.31 -21.61
N VAL B 25 -9.72 6.18 -20.73
CA VAL B 25 -9.14 4.88 -20.40
C VAL B 25 -10.14 4.04 -19.62
N LEU B 26 -10.83 4.63 -18.64
CA LEU B 26 -11.78 3.85 -17.85
C LEU B 26 -12.88 3.27 -18.74
N LEU B 27 -13.40 4.08 -19.66
CA LEU B 27 -14.38 3.57 -20.61
C LEU B 27 -13.80 2.43 -21.44
N THR B 28 -12.54 2.58 -21.87
CA THR B 28 -11.91 1.55 -22.68
C THR B 28 -11.76 0.23 -21.91
N VAL B 29 -11.33 0.33 -20.65
CA VAL B 29 -11.21 -0.86 -19.82
C VAL B 29 -12.56 -1.55 -19.69
N ALA B 30 -13.61 -0.77 -19.46
CA ALA B 30 -14.95 -1.37 -19.34
C ALA B 30 -15.41 -1.98 -20.66
N ALA B 31 -15.13 -1.32 -21.79
CA ALA B 31 -15.58 -1.81 -23.08
C ALA B 31 -14.84 -3.07 -23.49
N LEU B 32 -13.55 -3.18 -23.14
CA LEU B 32 -12.79 -4.39 -23.39
C LEU B 32 -13.08 -5.49 -22.37
N GLY B 33 -13.79 -5.18 -21.28
CA GLY B 33 -14.07 -6.15 -20.24
C GLY B 33 -12.81 -6.69 -19.59
N ILE B 34 -11.89 -5.80 -19.23
CA ILE B 34 -10.62 -6.22 -18.63
C ILE B 34 -10.47 -5.63 -17.23
N LYS B 35 -11.60 -5.33 -16.56
CA LYS B 35 -11.53 -4.86 -15.18
C LYS B 35 -10.70 -5.80 -14.31
N ASP B 36 -10.79 -7.11 -14.54
CA ASP B 36 -10.05 -8.06 -13.74
C ASP B 36 -8.58 -8.18 -14.15
N GLN B 37 -8.18 -7.58 -15.26
CA GLN B 37 -6.82 -7.74 -15.78
C GLN B 37 -5.96 -6.49 -15.61
N VAL B 38 -6.52 -5.41 -15.08
CA VAL B 38 -5.82 -4.13 -14.92
C VAL B 38 -6.01 -3.67 -13.48
N GLU B 39 -4.91 -3.37 -12.79
CA GLU B 39 -4.98 -2.86 -11.43
C GLU B 39 -5.12 -1.34 -11.43
N LEU B 40 -5.90 -0.82 -10.50
CA LEU B 40 -6.13 0.60 -10.37
C LEU B 40 -5.34 1.14 -9.19
N LYS B 41 -4.70 2.29 -9.38
CA LYS B 41 -3.97 2.99 -8.31
C LYS B 41 -4.38 4.45 -8.36
N LEU B 42 -5.09 4.89 -7.33
CA LEU B 42 -5.60 6.25 -7.31
C LEU B 42 -4.47 7.23 -7.04
N VAL B 43 -4.41 8.29 -7.85
CA VAL B 43 -3.46 9.39 -7.69
C VAL B 43 -4.33 10.64 -7.71
N ARG B 44 -4.61 11.21 -6.53
CA ARG B 44 -5.62 12.26 -6.41
C ARG B 44 -5.00 13.62 -6.74
N LEU B 45 -5.54 14.28 -7.77
CA LEU B 45 -4.96 15.54 -8.23
C LEU B 45 -5.14 16.65 -7.21
N PHE B 46 -6.33 16.77 -6.61
CA PHE B 46 -6.53 17.88 -5.70
C PHE B 46 -5.80 17.66 -4.38
N GLU B 47 -5.42 16.43 -4.07
CA GLU B 47 -4.52 16.14 -2.96
C GLU B 47 -3.06 16.45 -3.28
N ARG B 48 -2.74 16.61 -4.57
CA ARG B 48 -1.39 16.84 -5.11
C ARG B 48 -0.51 15.60 -5.05
N GLU B 49 -1.11 14.41 -5.13
CA GLU B 49 -0.36 13.16 -5.15
C GLU B 49 0.41 12.98 -6.46
N HIS B 50 0.03 13.69 -7.52
CA HIS B 50 0.77 13.65 -8.77
C HIS B 50 2.08 14.42 -8.73
N LEU B 51 2.36 15.15 -7.64
CA LEU B 51 3.62 15.88 -7.52
C LEU B 51 4.60 15.19 -6.58
N LEU B 52 4.22 14.05 -6.02
CA LEU B 52 5.14 13.27 -5.17
C LEU B 52 6.29 12.72 -6.00
N GLU B 53 7.42 12.49 -5.33
CA GLU B 53 8.66 12.19 -6.04
C GLU B 53 8.56 10.92 -6.86
N ASP B 54 7.91 9.89 -6.32
CA ASP B 54 7.85 8.63 -7.07
C ASP B 54 7.00 8.79 -8.32
N PHE B 55 5.94 9.59 -8.26
CA PHE B 55 5.11 9.71 -9.45
C PHE B 55 5.81 10.55 -10.50
N VAL B 56 6.48 11.63 -10.07
CA VAL B 56 7.24 12.47 -10.99
C VAL B 56 8.36 11.66 -11.65
N LYS B 57 8.97 10.75 -10.89
CA LYS B 57 9.97 9.88 -11.49
C LYS B 57 9.37 8.98 -12.57
N LEU B 58 8.17 8.46 -12.30
CA LEU B 58 7.45 7.65 -13.27
C LEU B 58 7.06 8.47 -14.49
N ASN B 59 6.63 9.72 -14.28
CA ASN B 59 6.12 10.57 -15.35
C ASN B 59 6.52 12.01 -15.09
N PRO B 60 7.57 12.51 -15.76
CA PRO B 60 7.97 13.91 -15.54
C PRO B 60 6.90 14.93 -15.94
N LEU B 61 5.89 14.53 -16.73
CA LEU B 61 4.77 15.42 -16.97
C LEU B 61 3.85 15.56 -15.76
N HIS B 62 4.04 14.76 -14.70
CA HIS B 62 3.22 14.79 -13.48
C HIS B 62 1.74 14.88 -13.78
N ALA B 63 1.27 13.97 -14.62
CA ALA B 63 -0.11 13.96 -15.07
C ALA B 63 -0.64 12.54 -15.10
N VAL B 64 -1.96 12.44 -15.00
CA VAL B 64 -2.70 11.18 -15.10
C VAL B 64 -3.48 11.15 -16.40
N PRO B 65 -3.69 9.98 -17.01
CA PRO B 65 -3.29 8.67 -16.51
C PRO B 65 -1.87 8.25 -16.89
N VAL B 66 -1.37 7.26 -16.14
CA VAL B 66 -0.14 6.56 -16.44
C VAL B 66 -0.43 5.06 -16.37
N LEU B 67 0.15 4.29 -17.28
CA LEU B 67 0.06 2.84 -17.21
C LEU B 67 1.46 2.28 -17.08
N LYS B 68 1.68 1.46 -16.05
N LYS B 68 1.68 1.44 -16.07
CA LYS B 68 2.92 0.72 -15.90
CA LYS B 68 2.94 0.73 -15.90
C LYS B 68 2.66 -0.76 -16.13
C LYS B 68 2.68 -0.75 -16.10
N HIS B 69 3.42 -1.36 -17.03
CA HIS B 69 3.30 -2.79 -17.30
C HIS B 69 4.71 -3.38 -17.30
N ASP B 70 5.10 -4.02 -16.19
CA ASP B 70 6.50 -4.38 -15.99
C ASP B 70 7.37 -3.14 -16.17
N ASP B 71 8.30 -3.17 -17.12
CA ASP B 71 9.19 -2.04 -17.40
C ASP B 71 8.61 -1.05 -18.39
N LEU B 72 7.43 -1.30 -18.94
CA LEU B 72 6.82 -0.33 -19.87
C LEU B 72 6.06 0.74 -19.10
N VAL B 73 6.34 2.02 -19.38
CA VAL B 73 5.62 3.11 -18.74
C VAL B 73 5.04 4.01 -19.82
N LEU B 74 3.71 4.02 -19.90
CA LEU B 74 2.97 4.85 -20.86
C LEU B 74 2.38 6.06 -20.14
N THR B 75 2.56 7.24 -20.72
CA THR B 75 2.24 8.50 -20.04
C THR B 75 1.32 9.37 -20.89
N ASP B 76 0.44 8.74 -21.66
CA ASP B 76 -0.61 9.46 -22.37
C ASP B 76 -1.78 8.53 -22.54
N SER B 77 -2.98 8.99 -22.19
CA SER B 77 -4.18 8.16 -22.26
C SER B 77 -4.35 7.50 -23.64
N HIS B 78 -4.00 8.22 -24.70
CA HIS B 78 -4.23 7.69 -26.04
C HIS B 78 -3.26 6.56 -26.37
N ALA B 79 -2.03 6.61 -25.86
CA ALA B 79 -1.11 5.48 -26.00
C ALA B 79 -1.53 4.31 -25.11
N ILE B 80 -2.05 4.61 -23.92
CA ILE B 80 -2.53 3.55 -23.03
C ILE B 80 -3.66 2.79 -23.73
N ILE B 81 -4.59 3.52 -24.35
CA ILE B 81 -5.75 2.90 -24.97
C ILE B 81 -5.32 1.98 -26.11
N MET B 82 -4.41 2.44 -26.95
CA MET B 82 -3.99 1.66 -28.10
C MET B 82 -3.27 0.39 -27.65
N TYR B 83 -2.43 0.52 -26.62
CA TYR B 83 -1.70 -0.62 -26.10
C TYR B 83 -2.64 -1.66 -25.50
N LEU B 84 -3.62 -1.22 -24.71
CA LEU B 84 -4.57 -2.16 -24.13
C LEU B 84 -5.34 -2.90 -25.23
N CYS B 85 -5.70 -2.20 -26.31
CA CYS B 85 -6.32 -2.88 -27.44
C CYS B 85 -5.42 -3.97 -28.01
N ASP B 86 -4.13 -3.68 -28.15
CA ASP B 86 -3.22 -4.65 -28.75
C ASP B 86 -3.06 -5.89 -27.88
N ILE B 87 -2.95 -5.73 -26.56
CA ILE B 87 -2.64 -6.90 -25.73
C ILE B 87 -3.89 -7.58 -25.16
N PHE B 88 -5.03 -6.90 -25.10
CA PHE B 88 -6.26 -7.53 -24.60
C PHE B 88 -7.41 -7.56 -25.59
N GLY B 89 -7.33 -6.85 -26.71
CA GLY B 89 -8.53 -6.72 -27.54
C GLY B 89 -8.41 -7.26 -28.96
N GLN B 90 -7.38 -8.05 -29.25
CA GLN B 90 -7.13 -8.43 -30.64
C GLN B 90 -8.21 -9.35 -31.20
N ASP B 91 -8.90 -10.10 -30.33
CA ASP B 91 -9.87 -11.10 -30.77
C ASP B 91 -11.32 -10.65 -30.58
N GLY B 92 -11.56 -9.35 -30.40
CA GLY B 92 -12.90 -8.87 -30.14
C GLY B 92 -13.31 -7.70 -31.01
N ASP B 93 -14.39 -7.02 -30.62
CA ASP B 93 -15.00 -6.00 -31.46
C ASP B 93 -14.20 -4.71 -31.52
N PHE B 94 -13.16 -4.56 -30.70
CA PHE B 94 -12.35 -3.35 -30.68
C PHE B 94 -10.95 -3.59 -31.24
N SER B 95 -10.75 -4.73 -31.91
CA SER B 95 -9.46 -5.07 -32.50
C SER B 95 -8.96 -3.99 -33.44
N LEU B 96 -7.65 -3.74 -33.38
CA LEU B 96 -6.96 -2.82 -34.26
C LEU B 96 -5.97 -3.54 -35.18
N LYS B 97 -6.30 -4.77 -35.58
CA LYS B 97 -5.35 -5.58 -36.33
C LYS B 97 -5.16 -5.06 -37.75
N ASP B 98 -6.23 -4.56 -38.37
CA ASP B 98 -6.16 -4.09 -39.76
C ASP B 98 -5.45 -2.74 -39.79
N PRO B 99 -4.39 -2.60 -40.60
CA PRO B 99 -3.63 -1.32 -40.59
C PRO B 99 -4.46 -0.10 -40.93
N LYS B 100 -5.38 -0.19 -41.89
CA LYS B 100 -6.18 0.99 -42.21
C LYS B 100 -7.21 1.28 -41.13
N GLN B 101 -7.81 0.24 -40.55
CA GLN B 101 -8.71 0.45 -39.43
C GLN B 101 -7.98 1.06 -38.26
N ARG B 102 -6.78 0.56 -37.98
CA ARG B 102 -5.98 1.12 -36.89
C ARG B 102 -5.69 2.59 -37.14
N ALA B 103 -5.38 2.93 -38.38
CA ALA B 103 -5.03 4.32 -38.70
C ALA B 103 -6.24 5.24 -38.56
N ARG B 104 -7.43 4.77 -38.95
CA ARG B 104 -8.64 5.58 -38.74
C ARG B 104 -8.88 5.85 -37.27
N VAL B 105 -8.65 4.84 -36.43
CA VAL B 105 -8.86 4.98 -35.00
C VAL B 105 -7.82 5.92 -34.41
N HIS B 106 -6.55 5.68 -34.76
CA HIS B 106 -5.48 6.56 -34.29
C HIS B 106 -5.70 8.00 -34.74
N ASN B 107 -6.17 8.20 -35.97
CA ASN B 107 -6.43 9.56 -36.46
C ASN B 107 -7.41 10.30 -35.56
N ARG B 108 -8.43 9.61 -35.05
CA ARG B 108 -9.41 10.27 -34.20
C ARG B 108 -8.90 10.40 -32.77
N LEU B 109 -8.02 9.48 -32.34
CA LEU B 109 -7.35 9.66 -31.05
C LEU B 109 -6.51 10.92 -31.08
N CYS B 110 -5.80 11.16 -32.20
CA CYS B 110 -5.00 12.37 -32.33
C CYS B 110 -5.89 13.62 -32.31
N PHE B 111 -7.05 13.57 -32.98
CA PHE B 111 -7.99 14.69 -32.91
C PHE B 111 -8.36 15.00 -31.48
N ASN B 112 -8.65 13.97 -30.67
CA ASN B 112 -9.00 14.25 -29.28
C ASN B 112 -7.80 14.86 -28.55
N ASN B 113 -6.64 14.23 -28.67
CA ASN B 113 -5.50 14.64 -27.86
C ASN B 113 -5.03 16.04 -28.21
N ALA B 114 -4.97 16.35 -29.52
CA ALA B 114 -4.35 17.57 -30.00
C ALA B 114 -5.34 18.68 -30.32
N VAL B 115 -6.65 18.40 -30.37
CA VAL B 115 -7.64 19.42 -30.72
C VAL B 115 -8.68 19.53 -29.62
N LEU B 116 -9.53 18.51 -29.46
CA LEU B 116 -10.67 18.66 -28.54
C LEU B 116 -10.21 18.78 -27.09
N PHE B 117 -9.32 17.90 -26.65
CA PHE B 117 -8.88 17.99 -25.26
C PHE B 117 -8.09 19.27 -25.00
N GLN B 118 -7.23 19.66 -25.95
CA GLN B 118 -6.43 20.88 -25.74
C GLN B 118 -7.34 22.08 -25.58
N ARG B 119 -8.38 22.19 -26.40
CA ARG B 119 -9.22 23.37 -26.35
C ARG B 119 -10.12 23.35 -25.14
N GLU B 120 -10.65 22.19 -24.79
CA GLU B 120 -11.52 22.11 -23.65
C GLU B 120 -10.75 22.33 -22.35
N SER B 121 -9.51 21.86 -22.29
N SER B 121 -9.51 21.84 -22.29
CA SER B 121 -8.76 21.97 -21.04
CA SER B 121 -8.72 21.95 -21.08
C SER B 121 -8.36 23.41 -20.76
C SER B 121 -8.39 23.41 -20.77
N ILE B 122 -8.17 24.22 -21.80
CA ILE B 122 -7.89 25.64 -21.59
C ILE B 122 -9.06 26.32 -20.89
N VAL B 123 -10.29 26.04 -21.37
CA VAL B 123 -11.49 26.64 -20.77
C VAL B 123 -11.72 26.10 -19.36
N MET B 124 -11.73 24.79 -19.20
CA MET B 124 -12.02 24.20 -17.89
C MET B 124 -11.01 24.64 -16.83
N ARG B 125 -9.71 24.55 -17.15
CA ARG B 125 -8.69 24.90 -16.16
C ARG B 125 -8.76 26.38 -15.80
N GLY B 126 -9.07 27.24 -16.77
CA GLY B 126 -9.17 28.66 -16.50
C GLY B 126 -10.37 29.04 -15.66
N LEU B 127 -11.47 28.29 -15.80
CA LEU B 127 -12.62 28.54 -14.93
C LEU B 127 -12.33 28.10 -13.51
N ILE B 128 -11.65 26.96 -13.35
CA ILE B 128 -11.41 26.43 -12.02
C ILE B 128 -10.44 27.31 -11.24
N ASN B 129 -9.41 27.84 -11.90
CA ASN B 129 -8.43 28.67 -11.20
C ASN B 129 -8.83 30.15 -11.16
N ARG B 130 -10.03 30.49 -11.63
CA ARG B 130 -10.69 31.79 -11.55
C ARG B 130 -10.16 32.83 -12.54
N SER B 131 -9.18 32.49 -13.40
CA SER B 131 -8.70 33.48 -14.36
C SER B 131 -9.79 33.87 -15.36
N ILE B 132 -10.73 32.96 -15.64
CA ILE B 132 -11.92 33.28 -16.41
C ILE B 132 -13.06 33.50 -15.42
N VAL B 133 -13.61 34.71 -15.40
CA VAL B 133 -14.72 35.03 -14.51
C VAL B 133 -16.03 34.48 -15.08
N THR B 134 -16.36 34.87 -16.30
CA THR B 134 -17.49 34.31 -17.02
C THR B 134 -17.10 34.09 -18.47
N LEU B 135 -17.59 33.00 -19.04
CA LEU B 135 -17.20 32.64 -20.40
C LEU B 135 -17.81 33.62 -21.40
N GLU B 136 -16.96 34.28 -22.15
CA GLU B 136 -17.39 35.08 -23.30
C GLU B 136 -17.37 34.21 -24.55
N ASP B 137 -17.99 34.71 -25.61
CA ASP B 137 -18.02 33.98 -26.87
C ASP B 137 -16.61 33.65 -27.35
N HIS B 138 -15.64 34.53 -27.10
CA HIS B 138 -14.28 34.30 -27.55
C HIS B 138 -13.62 33.12 -26.83
N HIS B 139 -14.10 32.75 -25.65
CA HIS B 139 -13.55 31.57 -24.97
C HIS B 139 -14.02 30.27 -25.61
N LEU B 140 -15.18 30.28 -26.25
CA LEU B 140 -15.82 29.05 -26.69
C LEU B 140 -15.66 28.77 -28.18
N LYS B 141 -15.21 29.75 -28.98
CA LYS B 141 -15.09 29.54 -30.41
C LYS B 141 -14.22 28.34 -30.78
N PRO B 142 -13.02 28.16 -30.19
CA PRO B 142 -12.23 26.96 -30.54
C PRO B 142 -12.95 25.66 -30.23
N VAL B 143 -13.66 25.59 -29.10
CA VAL B 143 -14.40 24.38 -28.76
C VAL B 143 -15.50 24.13 -29.79
N GLN B 144 -16.23 25.19 -30.16
CA GLN B 144 -17.30 25.01 -31.14
C GLN B 144 -16.75 24.64 -32.52
N GLU B 145 -15.54 25.10 -32.87
CA GLU B 145 -14.95 24.62 -34.12
C GLU B 145 -14.61 23.14 -34.05
N ALA B 146 -14.17 22.67 -32.87
CA ALA B 146 -13.97 21.23 -32.69
C ALA B 146 -15.29 20.47 -32.84
N TYR B 147 -16.38 21.01 -32.28
CA TYR B 147 -17.69 20.40 -32.49
C TYR B 147 -18.03 20.32 -33.98
N ASP B 148 -17.73 21.39 -34.72
CA ASP B 148 -17.99 21.41 -36.17
C ASP B 148 -17.25 20.28 -36.86
N CYS B 149 -16.01 20.01 -36.46
CA CYS B 149 -15.26 18.90 -37.05
C CYS B 149 -15.90 17.57 -36.70
N LEU B 150 -16.24 17.39 -35.41
CA LEU B 150 -16.86 16.15 -35.00
C LEU B 150 -18.18 15.91 -35.74
N GLU B 151 -18.93 16.97 -36.02
CA GLU B 151 -20.17 16.82 -36.78
C GLU B 151 -19.91 16.29 -38.19
N VAL B 152 -18.84 16.76 -38.83
CA VAL B 152 -18.45 16.21 -40.12
C VAL B 152 -18.13 14.73 -40.00
N TYR B 153 -17.31 14.37 -39.00
CA TYR B 153 -16.92 12.97 -38.87
C TYR B 153 -18.14 12.09 -38.71
N LEU B 154 -19.11 12.53 -37.92
CA LEU B 154 -20.25 11.69 -37.59
C LEU B 154 -21.33 11.79 -38.65
N THR B 155 -21.12 12.63 -39.66
CA THR B 155 -21.94 12.60 -40.87
C THR B 155 -21.42 11.55 -41.84
N ASN B 156 -20.11 11.34 -41.87
CA ASN B 156 -19.48 10.44 -42.81
C ASN B 156 -19.40 9.00 -42.29
N SER B 157 -19.51 8.79 -40.98
CA SER B 157 -19.63 7.44 -40.43
C SER B 157 -20.47 7.50 -39.17
N LYS B 158 -20.96 6.34 -38.75
CA LYS B 158 -21.94 6.30 -37.66
C LYS B 158 -21.30 6.66 -36.32
N PHE B 159 -20.07 6.21 -36.09
CA PHE B 159 -19.29 6.55 -34.91
C PHE B 159 -18.08 7.38 -35.36
N VAL B 160 -17.20 7.76 -34.42
CA VAL B 160 -16.26 8.82 -34.78
C VAL B 160 -15.26 8.37 -35.84
N ALA B 161 -14.89 7.09 -35.87
CA ALA B 161 -13.83 6.63 -36.75
C ALA B 161 -14.31 5.77 -37.90
N CYS B 162 -15.44 5.12 -37.72
CA CYS B 162 -16.02 4.24 -38.75
C CYS B 162 -17.46 3.95 -38.32
N ASP B 163 -18.11 3.00 -39.01
CA ASP B 163 -19.52 2.75 -38.73
C ASP B 163 -19.78 1.96 -37.44
N GLN B 164 -18.73 1.42 -36.80
CA GLN B 164 -18.89 0.74 -35.54
C GLN B 164 -18.20 1.53 -34.44
N LEU B 165 -18.69 1.33 -33.22
CA LEU B 165 -18.02 1.84 -32.04
C LEU B 165 -16.58 1.34 -31.99
N THR B 166 -15.64 2.26 -31.71
CA THR B 166 -14.23 1.90 -31.53
C THR B 166 -13.71 2.61 -30.29
N VAL B 167 -12.46 2.31 -29.93
CA VAL B 167 -11.92 2.98 -28.75
C VAL B 167 -11.75 4.48 -28.99
N ALA B 168 -11.77 4.96 -30.23
CA ALA B 168 -11.64 6.39 -30.41
C ALA B 168 -12.86 7.15 -29.93
N ASP B 169 -14.02 6.48 -29.81
CA ASP B 169 -15.20 7.16 -29.30
C ASP B 169 -15.05 7.51 -27.82
N PHE B 170 -14.16 6.83 -27.09
CA PHE B 170 -14.17 6.99 -25.65
C PHE B 170 -13.44 8.24 -25.17
N PRO B 171 -12.20 8.52 -25.60
CA PRO B 171 -11.59 9.81 -25.20
C PRO B 171 -12.44 11.00 -25.62
N ILE B 172 -13.05 10.93 -26.81
CA ILE B 172 -13.86 12.05 -27.29
C ILE B 172 -15.10 12.25 -26.39
N VAL B 173 -15.82 11.16 -26.05
CA VAL B 173 -17.00 11.37 -25.21
C VAL B 173 -16.61 11.79 -23.78
N ALA B 174 -15.46 11.31 -23.29
CA ALA B 174 -14.96 11.82 -22.01
C ALA B 174 -14.77 13.33 -22.05
N CYS B 175 -14.23 13.85 -23.15
CA CYS B 175 -14.06 15.29 -23.29
C CYS B 175 -15.40 15.99 -23.47
N MET B 176 -16.26 15.44 -24.35
CA MET B 176 -17.54 16.10 -24.65
C MET B 176 -18.40 16.23 -23.40
N SER B 177 -18.37 15.22 -22.53
CA SER B 177 -19.15 15.27 -21.30
C SER B 177 -18.53 16.18 -20.24
N THR B 178 -17.29 16.62 -20.44
CA THR B 178 -16.64 17.55 -19.52
C THR B 178 -16.91 18.98 -19.97
N VAL B 179 -16.49 19.33 -21.18
CA VAL B 179 -16.68 20.70 -21.65
C VAL B 179 -18.15 20.99 -21.93
N GLY B 180 -18.98 19.97 -22.08
CA GLY B 180 -20.41 20.20 -22.22
C GLY B 180 -21.01 20.99 -21.07
N MET B 181 -20.42 20.92 -19.88
N MET B 181 -20.41 20.91 -19.88
CA MET B 181 -21.01 21.66 -18.76
CA MET B 181 -20.92 21.65 -18.74
C MET B 181 -20.71 23.16 -18.80
C MET B 181 -20.87 23.15 -18.96
N VAL B 182 -19.91 23.62 -19.77
CA VAL B 182 -19.75 25.04 -20.02
C VAL B 182 -20.06 25.41 -21.47
N CYS B 183 -20.04 24.46 -22.39
CA CYS B 183 -20.30 24.66 -23.82
C CYS B 183 -21.23 23.55 -24.29
N PRO B 184 -22.51 23.60 -23.91
CA PRO B 184 -23.39 22.45 -24.19
C PRO B 184 -23.67 22.30 -25.68
N LEU B 185 -23.87 21.04 -26.07
CA LEU B 185 -24.15 20.70 -27.45
C LEU B 185 -25.56 21.17 -27.82
N SER B 186 -25.69 21.88 -28.93
CA SER B 186 -26.98 22.24 -29.48
C SER B 186 -27.40 21.19 -30.49
N THR B 187 -28.57 20.59 -30.28
CA THR B 187 -29.03 19.55 -31.19
C THR B 187 -29.36 20.11 -32.56
N SER B 188 -29.78 21.38 -32.64
CA SER B 188 -30.10 21.97 -33.93
C SER B 188 -28.85 22.28 -34.74
N ARG B 189 -27.74 22.60 -34.08
CA ARG B 189 -26.51 23.01 -34.74
C ARG B 189 -25.56 21.83 -34.99
N TRP B 190 -25.55 20.85 -34.11
CA TRP B 190 -24.71 19.66 -34.24
C TRP B 190 -25.58 18.43 -34.04
N PRO B 191 -26.54 18.19 -34.95
CA PRO B 191 -27.50 17.09 -34.71
C PRO B 191 -26.89 15.70 -34.68
N LYS B 192 -25.94 15.41 -35.58
CA LYS B 192 -25.32 14.09 -35.56
C LYS B 192 -24.51 13.91 -34.30
N THR B 193 -23.82 14.95 -33.84
CA THR B 193 -23.00 14.83 -32.64
C THR B 193 -23.88 14.66 -31.41
N ALA B 194 -24.99 15.39 -31.34
CA ALA B 194 -25.92 15.23 -30.22
C ALA B 194 -26.49 13.82 -30.18
N ALA B 195 -26.82 13.26 -31.35
CA ALA B 195 -27.38 11.91 -31.37
C ALA B 195 -26.33 10.88 -30.99
N TRP B 196 -25.09 11.08 -31.44
CA TRP B 196 -24.02 10.16 -31.07
C TRP B 196 -23.77 10.23 -29.56
N PHE B 197 -23.81 11.44 -28.99
CA PHE B 197 -23.59 11.62 -27.56
C PHE B 197 -24.63 10.84 -26.76
N GLU B 198 -25.90 10.94 -27.15
CA GLU B 198 -26.96 10.20 -26.48
C GLU B 198 -26.74 8.70 -26.60
N THR B 199 -26.26 8.23 -27.76
CA THR B 199 -25.95 6.82 -27.95
C THR B 199 -24.85 6.36 -26.99
N MET B 200 -23.71 7.07 -26.98
CA MET B 200 -22.66 6.86 -25.98
C MET B 200 -23.20 6.78 -24.55
N LYS B 201 -24.08 7.72 -24.17
CA LYS B 201 -24.58 7.75 -22.80
C LYS B 201 -25.39 6.51 -22.42
N GLN B 202 -25.89 5.78 -23.41
CA GLN B 202 -26.70 4.59 -23.14
C GLN B 202 -25.84 3.33 -23.04
N LEU B 203 -24.54 3.43 -23.25
CA LEU B 203 -23.70 2.25 -23.08
C LEU B 203 -23.78 1.79 -21.63
N PRO B 204 -23.80 0.48 -21.37
CA PRO B 204 -24.04 0.02 -20.00
C PRO B 204 -22.98 0.45 -19.00
N TYR B 205 -21.77 0.78 -19.45
CA TYR B 205 -20.67 1.16 -18.58
C TYR B 205 -20.44 2.66 -18.52
N TYR B 206 -21.25 3.46 -19.21
CA TYR B 206 -21.00 4.89 -19.24
C TYR B 206 -21.18 5.52 -17.87
N GLN B 207 -22.22 5.13 -17.13
CA GLN B 207 -22.55 5.80 -15.86
C GLN B 207 -21.39 5.75 -14.88
N GLN B 208 -20.82 4.56 -14.66
CA GLN B 208 -19.81 4.43 -13.63
C GLN B 208 -18.40 4.69 -14.13
N ALA B 209 -18.12 4.48 -15.42
CA ALA B 209 -16.78 4.75 -15.94
C ALA B 209 -16.59 6.21 -16.29
N ASN B 210 -17.68 6.93 -16.58
CA ASN B 210 -17.55 8.33 -16.98
C ASN B 210 -18.40 9.30 -16.15
N GLN B 211 -19.69 9.01 -15.96
CA GLN B 211 -20.54 10.01 -15.33
C GLN B 211 -20.12 10.29 -13.88
N VAL B 212 -19.66 9.28 -13.16
CA VAL B 212 -19.24 9.49 -11.77
C VAL B 212 -18.18 10.57 -11.69
N GLY B 213 -17.16 10.47 -12.55
CA GLY B 213 -16.09 11.46 -12.54
C GLY B 213 -16.54 12.81 -13.04
N VAL B 214 -17.42 12.81 -14.04
CA VAL B 214 -18.02 14.07 -14.49
C VAL B 214 -18.73 14.75 -13.33
N ASP B 215 -19.48 14.00 -12.54
CA ASP B 215 -20.24 14.62 -11.45
C ASP B 215 -19.33 15.16 -10.37
N LYS B 216 -18.19 14.51 -10.11
CA LYS B 216 -17.23 15.06 -9.16
C LYS B 216 -16.65 16.38 -9.67
N LEU B 217 -16.25 16.41 -10.94
CA LEU B 217 -15.77 17.66 -11.52
C LEU B 217 -16.83 18.75 -11.46
N LYS B 218 -18.07 18.38 -11.73
CA LYS B 218 -19.17 19.35 -11.72
C LYS B 218 -19.29 20.01 -10.34
N GLU B 219 -19.19 19.21 -9.28
CA GLU B 219 -19.29 19.77 -7.93
C GLU B 219 -18.16 20.75 -7.65
N ARG B 220 -16.94 20.43 -8.08
N ARG B 220 -16.94 20.43 -8.08
CA ARG B 220 -15.83 21.34 -7.88
CA ARG B 220 -15.83 21.34 -7.88
C ARG B 220 -16.03 22.63 -8.66
C ARG B 220 -16.02 22.63 -8.67
N LEU B 221 -16.54 22.52 -9.89
CA LEU B 221 -16.77 23.71 -10.70
C LEU B 221 -17.83 24.62 -10.08
N HIS B 222 -18.92 24.03 -9.59
CA HIS B 222 -19.96 24.83 -8.94
C HIS B 222 -19.40 25.59 -7.75
N ALA B 223 -18.58 24.93 -6.94
CA ALA B 223 -18.08 25.56 -5.73
C ALA B 223 -17.17 26.74 -6.06
N VAL B 224 -16.31 26.59 -7.07
CA VAL B 224 -15.35 27.63 -7.41
C VAL B 224 -16.05 28.87 -7.96
N MET B 225 -17.12 28.67 -8.72
CA MET B 225 -17.79 29.78 -9.37
C MET B 225 -18.88 30.43 -8.51
N LYS B 226 -19.15 29.90 -7.33
CA LYS B 226 -20.17 30.46 -6.44
C LYS B 226 -19.87 31.90 -6.06
CA HIS C 6 -11.17 -22.84 1.86
C HIS C 6 -10.52 -21.58 2.42
N MET C 7 -9.65 -20.95 1.62
CA MET C 7 -8.99 -19.71 1.99
C MET C 7 -9.84 -18.49 1.64
N MET C 8 -9.79 -17.46 2.48
CA MET C 8 -10.60 -16.27 2.24
C MET C 8 -10.03 -15.40 1.12
N SER C 9 -8.72 -15.41 0.92
CA SER C 9 -8.08 -14.56 -0.09
C SER C 9 -7.12 -15.40 -0.91
N LYS C 10 -6.81 -14.89 -2.15
CA LYS C 10 -5.81 -15.45 -3.05
C LYS C 10 -4.42 -14.99 -2.61
N PRO C 11 -3.38 -15.78 -2.90
CA PRO C 11 -2.06 -15.47 -2.33
C PRO C 11 -1.56 -14.12 -2.83
N VAL C 12 -0.95 -13.37 -1.92
CA VAL C 12 -0.34 -12.08 -2.21
C VAL C 12 1.18 -12.23 -2.12
N LEU C 13 1.88 -11.93 -3.21
CA LEU C 13 3.33 -11.97 -3.27
C LEU C 13 3.91 -10.56 -3.17
N TYR C 14 4.64 -10.30 -2.09
CA TYR C 14 5.35 -9.05 -1.85
C TYR C 14 6.72 -9.14 -2.50
N TYR C 15 7.02 -8.23 -3.43
CA TYR C 15 8.17 -8.49 -4.31
C TYR C 15 8.90 -7.24 -4.76
N ASP C 16 10.15 -7.45 -5.16
CA ASP C 16 10.95 -6.47 -5.91
C ASP C 16 11.81 -7.30 -6.86
N ASP C 17 11.64 -7.13 -8.18
CA ASP C 17 12.31 -8.07 -9.07
C ASP C 17 13.79 -7.77 -9.28
N ILE C 18 14.37 -6.78 -8.60
CA ILE C 18 15.83 -6.70 -8.58
C ILE C 18 16.43 -7.90 -7.84
N SER C 19 15.65 -8.54 -6.92
CA SER C 19 16.16 -9.56 -5.98
C SER C 19 16.18 -10.94 -6.63
N PRO C 20 17.28 -11.68 -6.55
CA PRO C 20 17.29 -13.07 -7.10
C PRO C 20 16.26 -13.96 -6.41
N PRO C 21 16.14 -13.95 -5.07
CA PRO C 21 15.06 -14.75 -4.45
C PRO C 21 13.70 -14.44 -5.04
N VAL C 22 13.41 -13.14 -5.25
CA VAL C 22 12.12 -12.77 -5.84
C VAL C 22 11.98 -13.35 -7.25
N ARG C 23 13.02 -13.21 -8.07
CA ARG C 23 12.91 -13.68 -9.45
C ARG C 23 12.76 -15.20 -9.52
N GLY C 24 13.31 -15.95 -8.56
CA GLY C 24 13.02 -17.36 -8.53
C GLY C 24 11.53 -17.64 -8.42
N VAL C 25 10.83 -16.83 -7.61
CA VAL C 25 9.38 -16.98 -7.49
C VAL C 25 8.67 -16.53 -8.75
N LEU C 26 9.07 -15.38 -9.31
CA LEU C 26 8.41 -14.89 -10.52
C LEU C 26 8.55 -15.87 -11.66
N LEU C 27 9.74 -16.46 -11.83
CA LEU C 27 9.91 -17.49 -12.84
C LEU C 27 8.98 -18.67 -12.58
N THR C 28 8.86 -19.07 -11.31
CA THR C 28 8.01 -20.21 -10.95
C THR C 28 6.55 -19.91 -11.25
N VAL C 29 6.07 -18.71 -10.90
CA VAL C 29 4.69 -18.31 -11.20
C VAL C 29 4.42 -18.43 -12.71
N ALA C 30 5.35 -17.93 -13.53
CA ALA C 30 5.17 -18.01 -14.98
C ALA C 30 5.19 -19.46 -15.48
N ALA C 31 6.09 -20.29 -14.95
CA ALA C 31 6.24 -21.65 -15.45
C ALA C 31 5.03 -22.50 -15.11
N LEU C 32 4.47 -22.32 -13.91
CA LEU C 32 3.28 -23.06 -13.52
C LEU C 32 2.02 -22.53 -14.18
N GLY C 33 2.09 -21.40 -14.86
CA GLY C 33 0.91 -20.83 -15.52
C GLY C 33 -0.11 -20.30 -14.54
N ILE C 34 0.34 -19.67 -13.45
CA ILE C 34 -0.58 -19.24 -12.41
C ILE C 34 -0.48 -17.73 -12.17
N LYS C 35 -0.06 -16.99 -13.20
CA LYS C 35 0.01 -15.53 -13.06
C LYS C 35 -1.31 -14.94 -12.60
N ASP C 36 -2.43 -15.49 -13.07
CA ASP C 36 -3.75 -14.97 -12.72
C ASP C 36 -4.23 -15.42 -11.34
N GLN C 37 -3.49 -16.31 -10.67
CA GLN C 37 -3.89 -16.82 -9.37
C GLN C 37 -3.11 -16.21 -8.21
N VAL C 38 -2.09 -15.40 -8.49
CA VAL C 38 -1.25 -14.77 -7.47
C VAL C 38 -1.31 -13.27 -7.66
N GLU C 39 -1.64 -12.54 -6.59
CA GLU C 39 -1.67 -11.09 -6.62
C GLU C 39 -0.31 -10.54 -6.22
N LEU C 40 0.15 -9.54 -6.96
CA LEU C 40 1.48 -8.97 -6.76
C LEU C 40 1.37 -7.65 -6.01
N LYS C 41 2.30 -7.43 -5.08
CA LYS C 41 2.38 -6.18 -4.34
C LYS C 41 3.83 -5.72 -4.30
N LEU C 42 4.11 -4.56 -4.88
CA LEU C 42 5.48 -4.06 -4.94
C LEU C 42 5.98 -3.65 -3.56
N VAL C 43 7.17 -4.13 -3.21
CA VAL C 43 7.87 -3.75 -1.99
C VAL C 43 9.31 -3.47 -2.43
N ARG C 44 9.59 -2.22 -2.80
CA ARG C 44 10.82 -1.87 -3.50
C ARG C 44 11.94 -1.61 -2.49
N LEU C 45 13.05 -2.32 -2.62
CA LEU C 45 14.13 -2.22 -1.64
C LEU C 45 14.80 -0.86 -1.66
N PHE C 46 15.01 -0.28 -2.84
CA PHE C 46 15.67 1.01 -2.87
C PHE C 46 14.73 2.15 -2.52
N GLU C 47 13.44 1.86 -2.38
CA GLU C 47 12.47 2.75 -1.76
C GLU C 47 12.30 2.49 -0.28
N ARG C 48 13.09 1.58 0.31
CA ARG C 48 13.03 1.25 1.73
C ARG C 48 11.68 0.71 2.16
N GLU C 49 10.90 0.14 1.22
CA GLU C 49 9.56 -0.32 1.57
C GLU C 49 9.61 -1.60 2.41
N HIS C 50 10.71 -2.33 2.38
CA HIS C 50 10.88 -3.51 3.22
C HIS C 50 11.17 -3.17 4.67
N LEU C 51 11.37 -1.89 4.98
CA LEU C 51 11.58 -1.45 6.34
C LEU C 51 10.36 -0.76 6.92
N LEU C 52 9.28 -0.66 6.16
CA LEU C 52 8.07 -0.02 6.67
C LEU C 52 7.48 -0.88 7.79
N GLU C 53 6.90 -0.19 8.76
CA GLU C 53 6.43 -0.85 9.98
C GLU C 53 5.54 -2.06 9.71
N ASP C 54 4.55 -1.91 8.81
CA ASP C 54 3.64 -3.03 8.60
C ASP C 54 4.32 -4.20 7.93
N PHE C 55 5.28 -3.94 7.04
CA PHE C 55 5.96 -5.06 6.39
C PHE C 55 6.86 -5.81 7.37
N VAL C 56 7.54 -5.07 8.26
CA VAL C 56 8.38 -5.69 9.28
C VAL C 56 7.52 -6.52 10.23
N LYS C 57 6.30 -6.06 10.52
CA LYS C 57 5.39 -6.85 11.33
C LYS C 57 5.06 -8.17 10.64
N LEU C 58 4.93 -8.15 9.32
CA LEU C 58 4.66 -9.37 8.57
C LEU C 58 5.89 -10.27 8.53
N ASN C 59 7.08 -9.68 8.41
CA ASN C 59 8.32 -10.44 8.24
C ASN C 59 9.43 -9.76 9.02
N PRO C 60 9.78 -10.27 10.21
CA PRO C 60 10.85 -9.63 10.99
C PRO C 60 12.22 -9.68 10.34
N LEU C 61 12.41 -10.52 9.30
CA LEU C 61 13.63 -10.49 8.52
C LEU C 61 13.70 -9.30 7.59
N HIS C 62 12.61 -8.53 7.46
CA HIS C 62 12.50 -7.34 6.62
C HIS C 62 13.13 -7.56 5.24
N ALA C 63 12.69 -8.63 4.59
CA ALA C 63 13.24 -9.05 3.31
C ALA C 63 12.12 -9.51 2.38
N VAL C 64 12.42 -9.46 1.08
CA VAL C 64 11.52 -9.95 0.04
C VAL C 64 12.12 -11.19 -0.61
N PRO C 65 11.31 -12.13 -1.10
CA PRO C 65 9.84 -12.10 -1.15
C PRO C 65 9.15 -12.61 0.11
N VAL C 66 7.90 -12.22 0.25
CA VAL C 66 6.98 -12.74 1.25
C VAL C 66 5.71 -13.14 0.52
N LEU C 67 5.12 -14.26 0.91
CA LEU C 67 3.81 -14.67 0.40
C LEU C 67 2.85 -14.71 1.58
N LYS C 68 1.73 -14.01 1.46
CA LYS C 68 0.67 -14.08 2.46
C LYS C 68 -0.54 -14.73 1.82
N HIS C 69 -1.02 -15.82 2.43
CA HIS C 69 -2.21 -16.51 1.95
C HIS C 69 -3.08 -16.66 3.19
N ASP C 70 -3.96 -15.67 3.42
CA ASP C 70 -4.74 -15.51 4.66
C ASP C 70 -3.78 -15.35 5.85
N ASP C 71 -3.82 -16.21 6.85
CA ASP C 71 -2.90 -16.12 7.98
C ASP C 71 -1.58 -16.87 7.75
N LEU C 72 -1.43 -17.57 6.62
CA LEU C 72 -0.16 -18.19 6.27
C LEU C 72 0.79 -17.13 5.74
N VAL C 73 1.92 -16.94 6.41
CA VAL C 73 2.91 -15.97 5.98
C VAL C 73 4.22 -16.69 5.73
N LEU C 74 4.60 -16.83 4.46
CA LEU C 74 5.85 -17.46 4.05
C LEU C 74 6.91 -16.39 3.82
N THR C 75 8.10 -16.57 4.38
CA THR C 75 9.13 -15.55 4.41
C THR C 75 10.45 -16.08 3.85
N ASP C 76 10.35 -16.99 2.89
CA ASP C 76 11.53 -17.45 2.17
C ASP C 76 11.06 -17.90 0.80
N SER C 77 11.76 -17.41 -0.23
CA SER C 77 11.39 -17.72 -1.60
C SER C 77 11.27 -19.22 -1.86
N HIS C 78 12.12 -20.02 -1.22
CA HIS C 78 12.13 -21.45 -1.51
C HIS C 78 10.89 -22.14 -0.93
N ALA C 79 10.42 -21.67 0.23
CA ALA C 79 9.17 -22.18 0.79
C ALA C 79 7.98 -21.68 -0.02
N ILE C 80 8.03 -20.44 -0.48
CA ILE C 80 6.97 -19.91 -1.36
C ILE C 80 6.82 -20.80 -2.60
N ILE C 81 7.95 -21.14 -3.22
CA ILE C 81 7.93 -21.94 -4.44
C ILE C 81 7.30 -23.31 -4.18
N MET C 82 7.72 -24.00 -3.11
CA MET C 82 7.15 -25.34 -2.92
C MET C 82 5.67 -25.26 -2.60
N TYR C 83 5.26 -24.24 -1.83
CA TYR C 83 3.85 -24.10 -1.48
C TYR C 83 3.01 -23.85 -2.73
N LEU C 84 3.47 -22.98 -3.62
CA LEU C 84 2.73 -22.72 -4.85
C LEU C 84 2.62 -23.97 -5.72
N CYS C 85 3.66 -24.82 -5.77
CA CYS C 85 3.54 -26.08 -6.48
C CYS C 85 2.47 -26.95 -5.85
N ASP C 86 2.42 -26.98 -4.52
CA ASP C 86 1.50 -27.87 -3.85
C ASP C 86 0.06 -27.46 -4.07
N ILE C 87 -0.22 -26.16 -4.06
CA ILE C 87 -1.62 -25.75 -4.17
C ILE C 87 -2.05 -25.46 -5.61
N PHE C 88 -1.12 -25.22 -6.53
CA PHE C 88 -1.49 -24.93 -7.92
C PHE C 88 -0.93 -25.89 -8.96
N GLY C 89 0.06 -26.70 -8.63
CA GLY C 89 0.71 -27.47 -9.68
C GLY C 89 0.71 -28.97 -9.47
N GLN C 90 -0.22 -29.47 -8.65
CA GLN C 90 -0.17 -30.87 -8.24
C GLN C 90 -0.20 -31.82 -9.43
N ASP C 91 -1.04 -31.54 -10.42
CA ASP C 91 -1.19 -32.39 -11.59
C ASP C 91 -0.65 -31.66 -12.82
N GLY C 92 0.68 -31.56 -12.89
CA GLY C 92 1.34 -30.91 -14.01
C GLY C 92 2.72 -31.47 -14.29
N ASP C 93 3.52 -30.75 -15.08
CA ASP C 93 4.89 -31.16 -15.38
C ASP C 93 5.87 -30.75 -14.31
N PHE C 94 5.49 -29.81 -13.45
CA PHE C 94 6.33 -29.38 -12.34
C PHE C 94 5.93 -30.06 -11.04
N SER C 95 5.30 -31.22 -11.15
CA SER C 95 4.63 -31.84 -10.01
C SER C 95 5.64 -32.32 -8.96
N LEU C 96 5.27 -32.14 -7.71
CA LEU C 96 6.08 -32.56 -6.56
C LEU C 96 5.42 -33.71 -5.81
N LYS C 97 4.49 -34.42 -6.46
CA LYS C 97 3.68 -35.43 -5.77
C LYS C 97 4.50 -36.66 -5.40
N ASP C 98 5.47 -37.04 -6.23
CA ASP C 98 6.32 -38.19 -5.92
C ASP C 98 7.34 -37.81 -4.86
N PRO C 99 7.44 -38.56 -3.75
CA PRO C 99 8.33 -38.14 -2.64
C PRO C 99 9.80 -38.07 -3.02
N LYS C 100 10.28 -39.01 -3.84
CA LYS C 100 11.67 -38.97 -4.28
C LYS C 100 11.93 -37.75 -5.16
N GLN C 101 11.04 -37.49 -6.12
CA GLN C 101 11.19 -36.32 -6.96
C GLN C 101 11.13 -35.04 -6.12
N ARG C 102 10.18 -34.98 -5.20
CA ARG C 102 10.09 -33.83 -4.31
C ARG C 102 11.39 -33.60 -3.57
N ALA C 103 11.98 -34.69 -3.04
CA ALA C 103 13.22 -34.55 -2.28
C ALA C 103 14.38 -34.09 -3.17
N ARG C 104 14.44 -34.57 -4.42
N ARG C 104 14.44 -34.57 -4.42
CA ARG C 104 15.50 -34.11 -5.31
CA ARG C 104 15.50 -34.11 -5.33
C ARG C 104 15.38 -32.62 -5.61
C ARG C 104 15.38 -32.63 -5.61
N VAL C 105 14.14 -32.15 -5.81
CA VAL C 105 13.90 -30.73 -6.05
C VAL C 105 14.23 -29.93 -4.79
N HIS C 106 13.72 -30.38 -3.64
CA HIS C 106 14.00 -29.66 -2.40
C HIS C 106 15.50 -29.63 -2.12
N ASN C 107 16.20 -30.73 -2.42
CA ASN C 107 17.65 -30.78 -2.23
C ASN C 107 18.37 -29.65 -2.99
N ARG C 108 17.93 -29.37 -4.23
CA ARG C 108 18.54 -28.30 -5.00
C ARG C 108 18.06 -26.91 -4.58
N LEU C 109 16.80 -26.79 -4.09
CA LEU C 109 16.39 -25.53 -3.50
C LEU C 109 17.27 -25.19 -2.30
N CYS C 110 17.61 -26.20 -1.47
CA CYS C 110 18.49 -25.96 -0.33
C CYS C 110 19.88 -25.53 -0.79
N PHE C 111 20.40 -26.16 -1.85
CA PHE C 111 21.69 -25.74 -2.40
C PHE C 111 21.65 -24.26 -2.78
N ASN C 112 20.57 -23.84 -3.43
CA ASN C 112 20.51 -22.43 -3.78
C ASN C 112 20.44 -21.57 -2.54
N ASN C 113 19.57 -21.92 -1.60
CA ASN C 113 19.33 -21.03 -0.47
C ASN C 113 20.55 -20.92 0.42
N ALA C 114 21.23 -22.05 0.67
CA ALA C 114 22.28 -22.12 1.67
C ALA C 114 23.68 -22.02 1.10
N VAL C 115 23.84 -22.16 -0.22
CA VAL C 115 25.18 -22.14 -0.82
C VAL C 115 25.26 -21.05 -1.88
N LEU C 116 24.54 -21.19 -3.00
CA LEU C 116 24.73 -20.27 -4.10
C LEU C 116 24.27 -18.87 -3.77
N PHE C 117 23.05 -18.73 -3.25
CA PHE C 117 22.54 -17.40 -2.93
C PHE C 117 23.35 -16.78 -1.80
N GLN C 118 23.71 -17.57 -0.79
N GLN C 118 23.71 -17.57 -0.79
CA GLN C 118 24.49 -17.03 0.31
CA GLN C 118 24.49 -17.03 0.31
C GLN C 118 25.79 -16.43 -0.18
N ARG C 119 26.48 -17.14 -1.08
CA ARG C 119 27.79 -16.69 -1.54
C ARG C 119 27.68 -15.55 -2.54
N GLU C 120 26.72 -15.62 -3.46
CA GLU C 120 26.61 -14.55 -4.44
C GLU C 120 26.13 -13.26 -3.79
N SER C 121 25.26 -13.36 -2.80
N SER C 121 25.26 -13.35 -2.80
CA SER C 121 24.70 -12.16 -2.20
CA SER C 121 24.70 -12.13 -2.24
C SER C 121 25.76 -11.36 -1.45
C SER C 121 25.75 -11.36 -1.43
N ILE C 122 26.72 -12.05 -0.82
CA ILE C 122 27.82 -11.36 -0.15
C ILE C 122 28.59 -10.49 -1.14
N VAL C 123 28.91 -11.06 -2.31
CA VAL C 123 29.63 -10.32 -3.33
C VAL C 123 28.80 -9.14 -3.83
N MET C 124 27.55 -9.40 -4.24
CA MET C 124 26.80 -8.34 -4.90
C MET C 124 26.41 -7.24 -3.93
N ARG C 125 25.98 -7.60 -2.71
CA ARG C 125 25.71 -6.57 -1.71
C ARG C 125 26.98 -5.79 -1.38
N GLY C 126 28.11 -6.48 -1.31
CA GLY C 126 29.37 -5.81 -1.01
C GLY C 126 29.77 -4.80 -2.08
N LEU C 127 29.58 -5.16 -3.34
CA LEU C 127 29.85 -4.21 -4.41
C LEU C 127 28.88 -3.02 -4.35
N ILE C 128 27.60 -3.30 -4.09
CA ILE C 128 26.59 -2.27 -4.20
C ILE C 128 26.72 -1.27 -3.07
N ASN C 129 27.01 -1.74 -1.85
CA ASN C 129 27.18 -0.83 -0.72
C ASN C 129 28.62 -0.36 -0.54
N ARG C 130 29.51 -0.72 -1.47
CA ARG C 130 30.88 -0.23 -1.56
C ARG C 130 31.79 -0.78 -0.47
N SER C 131 31.40 -1.83 0.23
CA SER C 131 32.33 -2.48 1.15
C SER C 131 33.38 -3.32 0.43
N ILE C 132 33.10 -3.74 -0.80
CA ILE C 132 34.10 -4.37 -1.66
C ILE C 132 34.56 -3.29 -2.63
N VAL C 133 35.80 -2.82 -2.44
CA VAL C 133 36.39 -1.79 -3.28
C VAL C 133 36.66 -2.37 -4.66
N THR C 134 37.65 -3.27 -4.72
CA THR C 134 38.04 -3.91 -5.97
C THR C 134 37.85 -5.42 -5.82
N LEU C 135 37.19 -6.03 -6.81
CA LEU C 135 36.99 -7.48 -6.80
C LEU C 135 38.31 -8.20 -7.05
N GLU C 136 38.63 -9.16 -6.20
CA GLU C 136 39.82 -9.99 -6.33
C GLU C 136 39.42 -11.45 -6.33
N ASP C 137 40.38 -12.31 -6.70
CA ASP C 137 40.11 -13.73 -6.84
C ASP C 137 39.52 -14.30 -5.55
N HIS C 138 39.99 -13.83 -4.40
CA HIS C 138 39.49 -14.41 -3.15
C HIS C 138 38.03 -14.10 -2.92
N HIS C 139 37.53 -12.98 -3.46
CA HIS C 139 36.10 -12.67 -3.35
C HIS C 139 35.25 -13.66 -4.12
N LEU C 140 35.76 -14.16 -5.24
CA LEU C 140 34.98 -14.97 -6.15
C LEU C 140 35.14 -16.47 -5.92
N LYS C 141 36.16 -16.90 -5.15
CA LYS C 141 36.39 -18.32 -4.92
C LYS C 141 35.15 -19.07 -4.42
N PRO C 142 34.42 -18.60 -3.40
CA PRO C 142 33.23 -19.37 -2.97
C PRO C 142 32.17 -19.51 -4.04
N VAL C 143 31.91 -18.46 -4.84
CA VAL C 143 30.96 -18.55 -5.94
C VAL C 143 31.43 -19.56 -6.98
N GLN C 144 32.72 -19.49 -7.34
CA GLN C 144 33.26 -20.45 -8.31
C GLN C 144 33.19 -21.89 -7.78
N GLU C 145 33.36 -22.09 -6.47
CA GLU C 145 33.15 -23.42 -5.91
C GLU C 145 31.70 -23.87 -6.04
N ALA C 146 30.75 -22.94 -5.86
CA ALA C 146 29.34 -23.28 -6.12
C ALA C 146 29.12 -23.62 -7.58
N TYR C 147 29.76 -22.89 -8.50
CA TYR C 147 29.69 -23.24 -9.93
C TYR C 147 30.17 -24.66 -10.16
N ASP C 148 31.28 -25.03 -9.51
CA ASP C 148 31.83 -26.38 -9.66
C ASP C 148 30.81 -27.43 -9.25
N CYS C 149 30.07 -27.17 -8.16
CA CYS C 149 29.04 -28.12 -7.76
C CYS C 149 27.92 -28.21 -8.78
N LEU C 150 27.41 -27.05 -9.21
CA LEU C 150 26.38 -27.01 -10.24
C LEU C 150 26.81 -27.76 -11.48
N GLU C 151 28.09 -27.62 -11.87
CA GLU C 151 28.61 -28.34 -13.03
C GLU C 151 28.53 -29.85 -12.82
N VAL C 152 28.81 -30.34 -11.60
CA VAL C 152 28.62 -31.75 -11.30
C VAL C 152 27.15 -32.14 -11.45
N TYR C 153 26.25 -31.34 -10.89
CA TYR C 153 24.83 -31.69 -10.95
C TYR C 153 24.35 -31.78 -12.40
N LEU C 154 24.84 -30.87 -13.25
CA LEU C 154 24.39 -30.79 -14.63
C LEU C 154 25.15 -31.73 -15.54
N THR C 155 26.14 -32.44 -14.99
CA THR C 155 26.74 -33.59 -15.67
C THR C 155 25.91 -34.85 -15.44
N ASN C 156 25.31 -34.98 -14.25
CA ASN C 156 24.54 -36.18 -13.91
C ASN C 156 23.08 -36.11 -14.34
N SER C 157 22.52 -34.91 -14.55
CA SER C 157 21.18 -34.81 -15.13
C SER C 157 21.11 -33.57 -16.01
N LYS C 158 20.13 -33.56 -16.91
CA LYS C 158 20.06 -32.50 -17.92
C LYS C 158 19.73 -31.15 -17.30
N PHE C 159 18.87 -31.14 -16.28
CA PHE C 159 18.56 -29.94 -15.52
C PHE C 159 19.05 -30.16 -14.08
N VAL C 160 18.82 -29.16 -13.20
CA VAL C 160 19.60 -29.16 -11.96
C VAL C 160 19.20 -30.31 -11.05
N ALA C 161 17.94 -30.75 -11.09
CA ALA C 161 17.47 -31.77 -10.16
C ALA C 161 17.18 -33.12 -10.81
N CYS C 162 16.98 -33.15 -12.11
CA CYS C 162 16.69 -34.38 -12.85
C CYS C 162 16.74 -34.02 -14.33
N ASP C 163 16.34 -34.96 -15.19
CA ASP C 163 16.47 -34.69 -16.62
C ASP C 163 15.41 -33.75 -17.16
N GLN C 164 14.41 -33.39 -16.36
CA GLN C 164 13.39 -32.43 -16.75
C GLN C 164 13.56 -31.12 -16.00
N LEU C 165 13.08 -30.04 -16.61
CA LEU C 165 13.01 -28.75 -15.91
C LEU C 165 12.07 -28.87 -14.72
N THR C 166 12.54 -28.42 -13.55
CA THR C 166 11.71 -28.37 -12.35
C THR C 166 11.79 -26.96 -11.75
N VAL C 167 11.01 -26.73 -10.68
CA VAL C 167 11.08 -25.41 -10.08
C VAL C 167 12.44 -25.14 -9.43
N ALA C 168 13.25 -26.18 -9.20
CA ALA C 168 14.58 -25.95 -8.63
C ALA C 168 15.51 -25.18 -9.57
N ASP C 169 15.23 -25.22 -10.88
CA ASP C 169 16.08 -24.51 -11.82
C ASP C 169 15.90 -23.01 -11.71
N PHE C 170 14.78 -22.54 -11.15
CA PHE C 170 14.48 -21.11 -11.25
C PHE C 170 15.22 -20.29 -10.19
N PRO C 171 15.23 -20.67 -8.91
CA PRO C 171 16.09 -19.89 -7.98
C PRO C 171 17.54 -19.89 -8.41
N ILE C 172 18.03 -21.03 -8.92
CA ILE C 172 19.43 -21.12 -9.31
C ILE C 172 19.72 -20.21 -10.51
N VAL C 173 18.85 -20.22 -11.52
CA VAL C 173 19.12 -19.32 -12.66
C VAL C 173 18.96 -17.86 -12.25
N ALA C 174 18.05 -17.55 -11.33
CA ALA C 174 17.96 -16.18 -10.85
C ALA C 174 19.27 -15.73 -10.21
N CYS C 175 19.91 -16.60 -9.41
CA CYS C 175 21.21 -16.26 -8.83
C CYS C 175 22.31 -16.20 -9.88
N MET C 176 22.41 -17.23 -10.74
CA MET C 176 23.44 -17.24 -11.78
C MET C 176 23.40 -16.00 -12.66
N SER C 177 22.21 -15.56 -13.03
CA SER C 177 22.10 -14.38 -13.88
C SER C 177 22.40 -13.08 -13.13
N THR C 178 22.43 -13.11 -11.80
CA THR C 178 22.79 -11.95 -11.01
C THR C 178 24.31 -11.86 -10.89
N VAL C 179 24.91 -12.86 -10.25
CA VAL C 179 26.35 -12.85 -10.00
C VAL C 179 27.13 -13.03 -11.29
N GLY C 180 26.48 -13.46 -12.37
CA GLY C 180 27.16 -13.58 -13.64
C GLY C 180 27.71 -12.26 -14.14
N MET C 181 27.18 -11.13 -13.69
CA MET C 181 27.70 -9.87 -14.21
C MET C 181 29.05 -9.52 -13.61
N VAL C 182 29.46 -10.19 -12.54
CA VAL C 182 30.80 -9.99 -11.98
C VAL C 182 31.63 -11.26 -11.93
N CYS C 183 31.01 -12.43 -12.07
CA CYS C 183 31.70 -13.73 -12.06
C CYS C 183 31.13 -14.57 -13.21
N PRO C 184 31.48 -14.23 -14.45
CA PRO C 184 30.75 -14.83 -15.58
C PRO C 184 31.11 -16.29 -15.79
N LEU C 185 30.13 -17.02 -16.32
CA LEU C 185 30.32 -18.40 -16.74
C LEU C 185 31.20 -18.45 -17.98
N SER C 186 32.01 -19.50 -18.07
CA SER C 186 32.77 -19.77 -19.28
C SER C 186 32.50 -21.19 -19.73
N THR C 187 32.49 -21.39 -21.05
CA THR C 187 32.35 -22.73 -21.62
C THR C 187 33.58 -23.57 -21.36
N SER C 188 34.77 -22.95 -21.30
CA SER C 188 35.98 -23.74 -21.08
C SER C 188 35.96 -24.37 -19.68
N ARG C 189 35.49 -23.63 -18.68
CA ARG C 189 35.56 -24.11 -17.31
C ARG C 189 34.27 -24.80 -16.85
N TRP C 190 33.11 -24.32 -17.27
CA TRP C 190 31.83 -24.87 -16.83
C TRP C 190 30.92 -25.07 -18.03
N PRO C 191 31.25 -26.02 -18.90
CA PRO C 191 30.49 -26.14 -20.17
C PRO C 191 29.05 -26.59 -19.99
N LYS C 192 28.80 -27.53 -19.07
CA LYS C 192 27.44 -28.00 -18.86
C LYS C 192 26.58 -26.91 -18.24
N THR C 193 27.15 -26.15 -17.30
CA THR C 193 26.41 -25.06 -16.69
C THR C 193 26.16 -23.93 -17.67
N ALA C 194 27.16 -23.59 -18.50
CA ALA C 194 26.96 -22.57 -19.52
C ALA C 194 25.84 -22.97 -20.49
N ALA C 195 25.79 -24.25 -20.88
CA ALA C 195 24.78 -24.71 -21.83
C ALA C 195 23.40 -24.73 -21.19
N TRP C 196 23.33 -25.19 -19.93
CA TRP C 196 22.07 -25.11 -19.19
C TRP C 196 21.60 -23.66 -19.06
N PHE C 197 22.52 -22.73 -18.78
CA PHE C 197 22.16 -21.33 -18.66
C PHE C 197 21.57 -20.78 -19.96
N GLU C 198 22.21 -21.09 -21.09
CA GLU C 198 21.66 -20.66 -22.38
C GLU C 198 20.26 -21.24 -22.59
N THR C 199 20.04 -22.49 -22.17
CA THR C 199 18.73 -23.12 -22.28
C THR C 199 17.69 -22.36 -21.46
N MET C 200 17.97 -22.11 -20.17
CA MET C 200 17.06 -21.30 -19.35
C MET C 200 16.73 -19.96 -19.99
N LYS C 201 17.73 -19.31 -20.60
CA LYS C 201 17.52 -17.98 -21.16
C LYS C 201 16.53 -17.98 -22.33
N GLN C 202 16.29 -19.14 -22.93
CA GLN C 202 15.37 -19.25 -24.05
C GLN C 202 13.92 -19.43 -23.63
N LEU C 203 13.65 -19.66 -22.35
CA LEU C 203 12.27 -19.83 -21.90
C LEU C 203 11.45 -18.59 -22.20
N PRO C 204 10.21 -18.75 -22.68
CA PRO C 204 9.43 -17.58 -23.12
C PRO C 204 9.21 -16.54 -22.02
N TYR C 205 9.19 -16.96 -20.76
CA TYR C 205 8.94 -16.04 -19.66
C TYR C 205 10.22 -15.53 -19.02
N TYR C 206 11.40 -15.91 -19.53
CA TYR C 206 12.65 -15.48 -18.91
C TYR C 206 12.85 -13.97 -19.01
N GLN C 207 12.53 -13.37 -20.17
CA GLN C 207 12.81 -11.94 -20.34
C GLN C 207 12.11 -11.08 -19.29
N GLN C 208 10.80 -11.23 -19.14
CA GLN C 208 10.08 -10.34 -18.23
C GLN C 208 10.13 -10.82 -16.78
N ALA C 209 10.23 -12.13 -16.53
CA ALA C 209 10.25 -12.60 -15.16
C ALA C 209 11.62 -12.50 -14.53
N ASN C 210 12.69 -12.47 -15.34
CA ASN C 210 14.02 -12.42 -14.78
C ASN C 210 14.92 -11.34 -15.38
N GLN C 211 14.95 -11.21 -16.71
CA GLN C 211 15.95 -10.34 -17.30
C GLN C 211 15.71 -8.88 -16.95
N VAL C 212 14.43 -8.47 -16.84
CA VAL C 212 14.11 -7.08 -16.50
C VAL C 212 14.74 -6.70 -15.16
N GLY C 213 14.62 -7.57 -14.17
CA GLY C 213 15.20 -7.26 -12.87
C GLY C 213 16.72 -7.29 -12.88
N VAL C 214 17.30 -8.23 -13.64
CA VAL C 214 18.75 -8.28 -13.78
C VAL C 214 19.27 -6.98 -14.37
N ASP C 215 18.54 -6.46 -15.37
CA ASP C 215 18.95 -5.20 -16.01
C ASP C 215 18.84 -4.03 -15.07
N LYS C 216 17.83 -4.02 -14.19
CA LYS C 216 17.76 -2.98 -13.17
C LYS C 216 18.97 -3.02 -12.26
N LEU C 217 19.40 -4.22 -11.88
CA LEU C 217 20.55 -4.33 -11.02
C LEU C 217 21.84 -3.93 -11.74
N LYS C 218 21.95 -4.28 -13.02
CA LYS C 218 23.11 -3.85 -13.81
C LYS C 218 23.25 -2.34 -13.81
N GLU C 219 22.14 -1.61 -13.91
CA GLU C 219 22.22 -0.15 -13.90
C GLU C 219 22.66 0.37 -12.55
N ARG C 220 22.16 -0.23 -11.47
CA ARG C 220 22.56 0.21 -10.14
C ARG C 220 24.04 -0.06 -9.92
N LEU C 221 24.53 -1.22 -10.38
CA LEU C 221 25.95 -1.53 -10.23
C LEU C 221 26.81 -0.58 -11.04
N HIS C 222 26.41 -0.30 -12.29
CA HIS C 222 27.08 0.72 -13.10
C HIS C 222 27.26 2.02 -12.31
N ALA C 223 26.15 2.55 -11.80
CA ALA C 223 26.20 3.85 -11.13
C ALA C 223 27.09 3.81 -9.90
N VAL C 224 27.06 2.73 -9.13
CA VAL C 224 27.86 2.64 -7.91
C VAL C 224 29.35 2.58 -8.24
N MET C 225 29.73 1.79 -9.23
N MET C 225 29.71 1.99 -9.37
CA MET C 225 31.13 1.50 -9.50
CA MET C 225 31.07 2.16 -9.89
C MET C 225 31.72 2.49 -10.50
C MET C 225 31.24 3.56 -10.47
C VAL D 5 -24.03 -2.01 -13.41
N HIS D 6 -23.38 -1.88 -14.57
CA HIS D 6 -21.96 -2.19 -14.69
C HIS D 6 -21.16 -1.19 -13.86
N MET D 7 -20.39 -1.71 -12.89
CA MET D 7 -19.50 -0.91 -12.06
C MET D 7 -18.10 -0.86 -12.63
N MET D 8 -17.41 0.27 -12.38
CA MET D 8 -16.11 0.51 -12.98
C MET D 8 -15.03 -0.36 -12.32
N SER D 9 -15.03 -0.43 -10.99
CA SER D 9 -13.99 -1.14 -10.25
C SER D 9 -14.60 -2.22 -9.36
N LYS D 10 -13.73 -3.08 -8.84
CA LYS D 10 -14.16 -4.06 -7.85
C LYS D 10 -14.49 -3.37 -6.53
N PRO D 11 -15.45 -3.92 -5.77
CA PRO D 11 -15.68 -3.36 -4.42
C PRO D 11 -14.47 -3.54 -3.53
N VAL D 12 -14.25 -2.56 -2.66
CA VAL D 12 -13.14 -2.56 -1.70
C VAL D 12 -13.70 -2.66 -0.29
N LEU D 13 -13.29 -3.68 0.44
CA LEU D 13 -13.75 -3.89 1.82
C LEU D 13 -12.67 -3.45 2.79
N TYR D 14 -12.94 -2.38 3.52
CA TYR D 14 -12.05 -1.91 4.58
C TYR D 14 -12.41 -2.69 5.84
N TYR D 15 -11.43 -3.37 6.43
CA TYR D 15 -11.77 -4.41 7.38
C TYR D 15 -10.67 -4.61 8.41
N ASP D 16 -11.06 -5.21 9.55
CA ASP D 16 -10.16 -5.81 10.54
C ASP D 16 -10.88 -7.05 11.03
N ASP D 17 -10.26 -8.23 10.88
CA ASP D 17 -11.00 -9.46 11.16
C ASP D 17 -11.17 -9.77 12.64
N ILE D 18 -10.64 -8.98 13.57
CA ILE D 18 -11.02 -9.19 14.96
C ILE D 18 -12.48 -8.81 15.20
N SER D 19 -13.09 -8.04 14.30
CA SER D 19 -14.43 -7.46 14.47
C SER D 19 -15.52 -8.44 14.06
N PRO D 20 -16.55 -8.68 14.88
CA PRO D 20 -17.66 -9.56 14.43
C PRO D 20 -18.38 -9.01 13.21
N PRO D 21 -18.74 -7.71 13.18
CA PRO D 21 -19.34 -7.16 11.94
C PRO D 21 -18.51 -7.46 10.71
N VAL D 22 -17.18 -7.32 10.82
CA VAL D 22 -16.29 -7.65 9.70
C VAL D 22 -16.42 -9.11 9.32
N ARG D 23 -16.36 -10.01 10.33
CA ARG D 23 -16.38 -11.44 9.99
C ARG D 23 -17.73 -11.87 9.44
N GLY D 24 -18.84 -11.20 9.79
CA GLY D 24 -20.09 -11.47 9.08
C GLY D 24 -19.96 -11.25 7.59
N VAL D 25 -19.23 -10.19 7.19
CA VAL D 25 -19.00 -9.96 5.77
C VAL D 25 -18.04 -10.97 5.19
N LEU D 26 -16.95 -11.29 5.89
CA LEU D 26 -15.98 -12.25 5.35
C LEU D 26 -16.64 -13.60 5.10
N LEU D 27 -17.46 -14.04 6.05
CA LEU D 27 -18.23 -15.28 5.86
C LEU D 27 -19.12 -15.18 4.63
N THR D 28 -19.79 -14.04 4.44
CA THR D 28 -20.65 -13.87 3.27
C THR D 28 -19.85 -13.94 1.98
N VAL D 29 -18.69 -13.28 1.95
CA VAL D 29 -17.84 -13.30 0.75
C VAL D 29 -17.45 -14.72 0.41
N ALA D 30 -17.05 -15.49 1.42
CA ALA D 30 -16.67 -16.88 1.19
C ALA D 30 -17.86 -17.72 0.75
N ALA D 31 -19.04 -17.52 1.36
CA ALA D 31 -20.21 -18.31 1.02
C ALA D 31 -20.68 -18.03 -0.40
N LEU D 32 -20.58 -16.77 -0.82
CA LEU D 32 -20.95 -16.35 -2.17
C LEU D 32 -19.90 -16.73 -3.21
N GLY D 33 -18.70 -17.10 -2.78
CA GLY D 33 -17.64 -17.46 -3.71
C GLY D 33 -17.04 -16.29 -4.46
N ILE D 34 -17.01 -15.11 -3.86
CA ILE D 34 -16.58 -13.91 -4.56
C ILE D 34 -15.28 -13.33 -4.03
N LYS D 35 -14.43 -14.14 -3.39
CA LYS D 35 -13.12 -13.66 -2.96
C LYS D 35 -12.35 -12.96 -4.10
N ASP D 36 -12.46 -13.47 -5.32
CA ASP D 36 -11.73 -12.87 -6.45
C ASP D 36 -12.34 -11.57 -6.95
N GLN D 37 -13.54 -11.19 -6.49
CA GLN D 37 -14.19 -10.01 -7.02
C GLN D 37 -14.23 -8.86 -6.03
N VAL D 38 -13.70 -9.04 -4.84
CA VAL D 38 -13.67 -7.99 -3.83
C VAL D 38 -12.23 -7.81 -3.37
N GLU D 39 -11.83 -6.57 -3.17
CA GLU D 39 -10.48 -6.25 -2.70
C GLU D 39 -10.55 -5.96 -1.21
N LEU D 40 -9.59 -6.48 -0.46
CA LEU D 40 -9.50 -6.28 0.98
C LEU D 40 -8.46 -5.20 1.29
N LYS D 41 -8.82 -4.29 2.19
CA LYS D 41 -7.93 -3.24 2.66
C LYS D 41 -7.97 -3.26 4.18
N LEU D 42 -6.85 -3.60 4.80
CA LEU D 42 -6.76 -3.68 6.24
C LEU D 42 -6.78 -2.29 6.86
N VAL D 43 -7.67 -2.10 7.83
CA VAL D 43 -7.76 -0.91 8.66
C VAL D 43 -7.66 -1.43 10.09
N ARG D 44 -6.47 -1.33 10.70
CA ARG D 44 -6.16 -2.06 11.92
C ARG D 44 -6.64 -1.29 13.14
N LEU D 45 -7.65 -1.85 13.82
CA LEU D 45 -8.24 -1.18 14.97
C LEU D 45 -7.23 -0.98 16.09
N PHE D 46 -6.32 -1.93 16.27
CA PHE D 46 -5.38 -1.78 17.38
C PHE D 46 -4.28 -0.78 17.07
N GLU D 47 -4.08 -0.45 15.79
N GLU D 47 -4.07 -0.44 15.79
CA GLU D 47 -3.25 0.69 15.43
CA GLU D 47 -3.24 0.70 15.43
C GLU D 47 -4.04 1.99 15.37
C GLU D 47 -4.05 2.00 15.38
N ARG D 48 -5.34 1.95 15.69
N ARG D 48 -5.35 1.95 15.71
CA ARG D 48 -6.24 3.11 15.68
CA ARG D 48 -6.25 3.10 15.68
C ARG D 48 -6.37 3.70 14.28
C ARG D 48 -6.38 3.71 14.28
N GLU D 49 -6.21 2.88 13.25
CA GLU D 49 -6.27 3.38 11.88
C GLU D 49 -7.68 3.79 11.45
N HIS D 50 -8.71 3.32 12.17
CA HIS D 50 -10.08 3.76 11.93
C HIS D 50 -10.32 5.20 12.36
N LEU D 51 -9.38 5.82 13.09
CA LEU D 51 -9.53 7.21 13.52
C LEU D 51 -8.68 8.18 12.70
N LEU D 52 -7.96 7.69 11.68
CA LEU D 52 -7.16 8.57 10.85
C LEU D 52 -8.07 9.39 9.93
N GLU D 53 -7.62 10.60 9.58
CA GLU D 53 -8.48 11.54 8.87
C GLU D 53 -9.07 10.97 7.59
N ASP D 54 -8.27 10.28 6.78
CA ASP D 54 -8.78 9.77 5.50
C ASP D 54 -9.92 8.79 5.72
N PHE D 55 -9.81 7.95 6.76
CA PHE D 55 -10.87 6.97 6.97
C PHE D 55 -12.11 7.62 7.55
N VAL D 56 -11.93 8.61 8.44
CA VAL D 56 -13.09 9.32 8.99
C VAL D 56 -13.81 10.09 7.89
N LYS D 57 -13.06 10.58 6.90
CA LYS D 57 -13.70 11.21 5.74
C LYS D 57 -14.55 10.22 4.95
N LEU D 58 -14.08 8.98 4.85
CA LEU D 58 -14.83 7.92 4.19
C LEU D 58 -16.05 7.50 5.01
N ASN D 59 -15.88 7.41 6.33
CA ASN D 59 -16.94 6.94 7.23
C ASN D 59 -16.88 7.74 8.55
N PRO D 60 -17.78 8.71 8.73
CA PRO D 60 -17.74 9.51 9.98
C PRO D 60 -18.03 8.70 11.24
N LEU D 61 -18.61 7.50 11.09
CA LEU D 61 -18.75 6.59 12.22
C LEU D 61 -17.42 5.98 12.65
N HIS D 62 -16.34 6.18 11.88
CA HIS D 62 -15.00 5.69 12.19
C HIS D 62 -15.01 4.25 12.68
N ALA D 63 -15.65 3.39 11.88
CA ALA D 63 -15.82 1.99 12.24
C ALA D 63 -15.65 1.11 11.01
N VAL D 64 -15.29 -0.16 11.26
CA VAL D 64 -15.20 -1.18 10.21
C VAL D 64 -16.33 -2.19 10.38
N PRO D 65 -16.82 -2.79 9.30
CA PRO D 65 -16.36 -2.66 7.91
C PRO D 65 -16.97 -1.48 7.15
N VAL D 66 -16.26 -1.09 6.09
CA VAL D 66 -16.76 -0.18 5.07
C VAL D 66 -16.58 -0.84 3.71
N LEU D 67 -17.55 -0.67 2.83
CA LEU D 67 -17.43 -1.13 1.45
C LEU D 67 -17.53 0.08 0.53
N LYS D 68 -16.52 0.27 -0.31
CA LYS D 68 -16.54 1.31 -1.33
C LYS D 68 -16.63 0.60 -2.67
N HIS D 69 -17.68 0.91 -3.43
CA HIS D 69 -17.85 0.35 -4.78
C HIS D 69 -18.09 1.53 -5.70
N ASP D 70 -17.01 1.96 -6.39
CA ASP D 70 -17.02 3.22 -7.15
C ASP D 70 -17.42 4.34 -6.20
N ASP D 71 -18.55 5.02 -6.43
CA ASP D 71 -19.05 6.12 -5.61
C ASP D 71 -19.97 5.65 -4.48
N LEU D 72 -20.32 4.37 -4.42
CA LEU D 72 -21.16 3.84 -3.35
C LEU D 72 -20.30 3.55 -2.12
N VAL D 73 -20.70 4.08 -0.97
CA VAL D 73 -19.96 3.87 0.27
C VAL D 73 -20.92 3.35 1.31
N LEU D 74 -20.78 2.06 1.65
CA LEU D 74 -21.62 1.43 2.66
C LEU D 74 -20.85 1.33 3.96
N THR D 75 -21.51 1.71 5.06
CA THR D 75 -20.86 1.88 6.35
C THR D 75 -21.57 1.07 7.44
N ASP D 76 -22.10 -0.09 7.07
CA ASP D 76 -22.65 -1.04 8.03
C ASP D 76 -22.53 -2.43 7.43
N SER D 77 -22.02 -3.39 8.21
CA SER D 77 -21.83 -4.75 7.68
C SER D 77 -23.13 -5.33 7.15
N HIS D 78 -24.27 -4.98 7.76
CA HIS D 78 -25.53 -5.61 7.35
C HIS D 78 -25.98 -5.07 5.99
N ALA D 79 -25.70 -3.79 5.71
CA ALA D 79 -25.97 -3.24 4.39
C ALA D 79 -25.00 -3.80 3.35
N ILE D 80 -23.74 -3.98 3.75
CA ILE D 80 -22.75 -4.57 2.86
C ILE D 80 -23.19 -5.97 2.44
N ILE D 81 -23.67 -6.77 3.40
CA ILE D 81 -24.06 -8.15 3.12
C ILE D 81 -25.22 -8.21 2.15
N MET D 82 -26.26 -7.39 2.37
CA MET D 82 -27.39 -7.42 1.43
C MET D 82 -26.98 -6.95 0.05
N TYR D 83 -26.13 -5.93 -0.02
CA TYR D 83 -25.69 -5.44 -1.32
C TYR D 83 -24.90 -6.51 -2.07
N LEU D 84 -23.97 -7.19 -1.39
CA LEU D 84 -23.20 -8.23 -2.08
C LEU D 84 -24.13 -9.34 -2.58
N CYS D 85 -25.14 -9.70 -1.81
CA CYS D 85 -26.11 -10.70 -2.29
C CYS D 85 -26.80 -10.24 -3.55
N ASP D 86 -27.12 -8.95 -3.62
CA ASP D 86 -27.89 -8.42 -4.73
C ASP D 86 -27.06 -8.38 -6.01
N ILE D 87 -25.78 -8.03 -5.92
CA ILE D 87 -25.00 -7.88 -7.14
C ILE D 87 -24.20 -9.13 -7.51
N PHE D 88 -23.98 -10.07 -6.58
CA PHE D 88 -23.23 -11.30 -6.87
C PHE D 88 -23.99 -12.59 -6.60
N GLY D 89 -25.08 -12.56 -5.83
CA GLY D 89 -25.68 -13.81 -5.39
C GLY D 89 -27.10 -14.10 -5.86
N GLN D 90 -27.54 -13.42 -6.91
CA GLN D 90 -28.95 -13.51 -7.31
C GLN D 90 -29.32 -14.89 -7.82
N ASP D 91 -28.37 -15.61 -8.40
CA ASP D 91 -28.65 -16.89 -9.04
C ASP D 91 -28.20 -18.08 -8.19
N GLY D 92 -27.81 -17.86 -6.95
CA GLY D 92 -27.29 -18.94 -6.12
C GLY D 92 -28.11 -19.24 -4.88
N ASP D 93 -27.53 -20.06 -4.00
CA ASP D 93 -28.25 -20.52 -2.82
C ASP D 93 -28.46 -19.43 -1.78
N PHE D 94 -27.87 -18.25 -1.96
CA PHE D 94 -28.02 -17.15 -1.00
C PHE D 94 -28.86 -16.01 -1.57
N SER D 95 -29.59 -16.27 -2.65
CA SER D 95 -30.35 -15.23 -3.34
C SER D 95 -31.42 -14.61 -2.44
N LEU D 96 -31.58 -13.30 -2.57
CA LEU D 96 -32.60 -12.53 -1.87
C LEU D 96 -33.64 -11.95 -2.83
N LYS D 97 -33.83 -12.61 -3.98
CA LYS D 97 -34.74 -12.10 -5.00
C LYS D 97 -36.19 -12.10 -4.54
N ASP D 98 -36.59 -13.11 -3.77
CA ASP D 98 -37.98 -13.21 -3.31
C ASP D 98 -38.23 -12.22 -2.17
N PRO D 99 -39.27 -11.38 -2.27
CA PRO D 99 -39.52 -10.37 -1.21
C PRO D 99 -39.69 -10.94 0.19
N LYS D 100 -40.44 -12.02 0.37
CA LYS D 100 -40.62 -12.54 1.72
C LYS D 100 -39.34 -13.15 2.27
N GLN D 101 -38.59 -13.86 1.42
CA GLN D 101 -37.33 -14.43 1.85
C GLN D 101 -36.38 -13.31 2.23
N ARG D 102 -36.32 -12.27 1.39
CA ARG D 102 -35.49 -11.11 1.70
C ARG D 102 -35.89 -10.50 3.05
N ALA D 103 -37.19 -10.39 3.33
CA ALA D 103 -37.61 -9.80 4.59
C ALA D 103 -37.27 -10.68 5.79
N ARG D 104 -37.41 -12.01 5.67
N ARG D 104 -37.41 -12.01 5.67
CA ARG D 104 -37.01 -12.90 6.76
CA ARG D 104 -37.00 -12.89 6.76
C ARG D 104 -35.52 -12.75 7.06
C ARG D 104 -35.52 -12.73 7.06
N VAL D 105 -34.69 -12.66 6.01
CA VAL D 105 -33.26 -12.48 6.20
C VAL D 105 -32.96 -11.11 6.81
N HIS D 106 -33.55 -10.06 6.22
CA HIS D 106 -33.32 -8.71 6.75
C HIS D 106 -33.77 -8.62 8.20
N ASN D 107 -34.91 -9.23 8.54
CA ASN D 107 -35.37 -9.24 9.92
C ASN D 107 -34.31 -9.76 10.89
N ARG D 108 -33.61 -10.84 10.50
CA ARG D 108 -32.58 -11.38 11.38
C ARG D 108 -31.28 -10.60 11.32
N LEU D 109 -30.97 -9.95 10.19
CA LEU D 109 -29.85 -9.02 10.17
C LEU D 109 -30.10 -7.88 11.16
N CYS D 110 -31.34 -7.36 11.19
CA CYS D 110 -31.70 -6.32 12.14
C CYS D 110 -31.57 -6.82 13.57
N PHE D 111 -31.98 -8.07 13.84
CA PHE D 111 -31.77 -8.62 15.18
C PHE D 111 -30.29 -8.58 15.55
N ASN D 112 -29.41 -9.01 14.65
CA ASN D 112 -27.99 -8.98 14.98
C ASN D 112 -27.54 -7.54 15.22
N ASN D 113 -27.89 -6.64 14.32
CA ASN D 113 -27.33 -5.30 14.41
C ASN D 113 -27.84 -4.56 15.63
N ALA D 114 -29.13 -4.69 15.94
CA ALA D 114 -29.74 -3.88 16.98
C ALA D 114 -29.84 -4.57 18.33
N VAL D 115 -29.67 -5.88 18.39
CA VAL D 115 -29.82 -6.62 19.65
C VAL D 115 -28.51 -7.33 19.99
N LEU D 116 -28.16 -8.37 19.23
CA LEU D 116 -27.04 -9.22 19.65
C LEU D 116 -25.71 -8.48 19.60
N PHE D 117 -25.43 -7.79 18.49
CA PHE D 117 -24.16 -7.08 18.41
C PHE D 117 -24.11 -5.93 19.41
N GLN D 118 -25.22 -5.22 19.60
CA GLN D 118 -25.20 -4.11 20.54
C GLN D 118 -24.86 -4.59 21.94
N ARG D 119 -25.43 -5.73 22.35
CA ARG D 119 -25.22 -6.22 23.70
C ARG D 119 -23.86 -6.84 23.86
N GLU D 120 -23.40 -7.56 22.85
CA GLU D 120 -22.09 -8.19 22.96
C GLU D 120 -20.96 -7.18 22.85
N SER D 121 -21.15 -6.11 22.07
N SER D 121 -21.13 -6.11 22.07
CA SER D 121 -20.09 -5.12 21.88
CA SER D 121 -20.02 -5.18 21.92
C SER D 121 -19.79 -4.40 23.18
C SER D 121 -19.78 -4.38 23.19
N ILE D 122 -20.84 -4.10 23.95
CA ILE D 122 -20.65 -3.49 25.28
C ILE D 122 -19.71 -4.34 26.13
N VAL D 123 -19.95 -5.66 26.14
CA VAL D 123 -19.14 -6.56 26.96
C VAL D 123 -17.71 -6.64 26.44
N MET D 124 -17.54 -6.86 25.13
CA MET D 124 -16.19 -7.08 24.60
C MET D 124 -15.36 -5.80 24.64
N ARG D 125 -15.94 -4.66 24.28
CA ARG D 125 -15.21 -3.40 24.38
C ARG D 125 -14.78 -3.14 25.82
N GLY D 126 -15.69 -3.35 26.77
CA GLY D 126 -15.37 -3.08 28.17
C GLY D 126 -14.23 -3.92 28.70
N LEU D 127 -14.18 -5.20 28.29
CA LEU D 127 -13.07 -6.04 28.71
C LEU D 127 -11.76 -5.58 28.07
N ILE D 128 -11.83 -5.13 26.81
CA ILE D 128 -10.60 -4.85 26.06
C ILE D 128 -9.96 -3.55 26.56
N ASN D 129 -10.75 -2.53 26.85
CA ASN D 129 -10.22 -1.28 27.39
C ASN D 129 -10.18 -1.26 28.92
N ARG D 130 -10.42 -2.40 29.57
CA ARG D 130 -10.22 -2.64 30.99
C ARG D 130 -11.21 -1.89 31.89
N SER D 131 -12.23 -1.24 31.32
CA SER D 131 -13.30 -0.67 32.11
C SER D 131 -14.22 -1.74 32.71
N ILE D 132 -14.12 -2.97 32.23
CA ILE D 132 -14.78 -4.12 32.82
C ILE D 132 -13.69 -5.11 33.20
N VAL D 133 -13.59 -5.43 34.48
CA VAL D 133 -12.63 -6.43 34.95
C VAL D 133 -13.34 -7.76 35.08
N THR D 134 -14.40 -7.79 35.88
CA THR D 134 -15.28 -8.94 36.02
C THR D 134 -16.65 -8.55 35.49
N LEU D 135 -17.30 -9.50 34.79
CA LEU D 135 -18.56 -9.19 34.12
C LEU D 135 -19.70 -9.06 35.15
N GLU D 136 -20.40 -7.93 35.09
CA GLU D 136 -21.53 -7.66 35.96
C GLU D 136 -22.82 -8.19 35.36
N ASP D 137 -23.85 -8.33 36.22
CA ASP D 137 -25.12 -8.88 35.76
C ASP D 137 -25.72 -8.02 34.66
N HIS D 138 -25.60 -6.70 34.76
CA HIS D 138 -26.12 -5.83 33.70
C HIS D 138 -25.31 -5.93 32.42
N HIS D 139 -24.16 -6.61 32.45
CA HIS D 139 -23.42 -6.98 31.26
C HIS D 139 -23.92 -8.31 30.68
N LEU D 140 -24.12 -9.32 31.54
CA LEU D 140 -24.35 -10.67 31.02
C LEU D 140 -25.83 -10.95 30.72
N LYS D 141 -26.74 -10.46 31.55
CA LYS D 141 -28.16 -10.75 31.34
C LYS D 141 -28.67 -10.30 29.98
N PRO D 142 -28.30 -9.13 29.44
CA PRO D 142 -28.79 -8.80 28.09
C PRO D 142 -28.31 -9.78 27.02
N VAL D 143 -27.07 -10.25 27.13
CA VAL D 143 -26.58 -11.26 26.19
C VAL D 143 -27.41 -12.54 26.30
N GLN D 144 -27.70 -12.97 27.53
CA GLN D 144 -28.47 -14.19 27.73
C GLN D 144 -29.89 -14.05 27.21
N GLU D 145 -30.49 -12.85 27.34
CA GLU D 145 -31.81 -12.66 26.75
C GLU D 145 -31.76 -12.72 25.23
N ALA D 146 -30.66 -12.25 24.62
CA ALA D 146 -30.50 -12.42 23.19
C ALA D 146 -30.38 -13.89 22.81
N TYR D 147 -29.62 -14.65 23.61
CA TYR D 147 -29.57 -16.11 23.43
C TYR D 147 -30.97 -16.72 23.48
N ASP D 148 -31.80 -16.27 24.43
CA ASP D 148 -33.17 -16.79 24.51
C ASP D 148 -33.95 -16.53 23.24
N CYS D 149 -33.81 -15.35 22.64
CA CYS D 149 -34.51 -15.09 21.39
C CYS D 149 -33.98 -15.99 20.29
N LEU D 150 -32.67 -16.12 20.18
CA LEU D 150 -32.06 -16.99 19.18
C LEU D 150 -32.57 -18.43 19.32
N GLU D 151 -32.72 -18.89 20.55
CA GLU D 151 -33.23 -20.24 20.80
C GLU D 151 -34.64 -20.39 20.26
N VAL D 152 -35.48 -19.35 20.41
CA VAL D 152 -36.82 -19.41 19.83
C VAL D 152 -36.74 -19.51 18.30
N TYR D 153 -35.92 -18.64 17.69
CA TYR D 153 -35.83 -18.62 16.23
C TYR D 153 -35.41 -19.99 15.71
N LEU D 154 -34.45 -20.61 16.38
CA LEU D 154 -33.88 -21.88 15.92
C LEU D 154 -34.73 -23.08 16.32
N THR D 155 -35.73 -22.88 17.17
CA THR D 155 -36.79 -23.88 17.32
C THR D 155 -37.76 -23.83 16.14
N ASN D 156 -38.04 -22.62 15.64
CA ASN D 156 -39.02 -22.46 14.58
C ASN D 156 -38.48 -22.74 13.19
N SER D 157 -37.17 -22.62 12.95
CA SER D 157 -36.59 -23.03 11.68
C SER D 157 -35.18 -23.57 11.93
N LYS D 158 -34.65 -24.30 10.95
CA LYS D 158 -33.38 -25.00 11.17
C LYS D 158 -32.21 -24.03 11.27
N PHE D 159 -32.24 -22.95 10.49
CA PHE D 159 -31.24 -21.88 10.54
C PHE D 159 -31.95 -20.61 11.00
N VAL D 160 -31.22 -19.50 11.14
CA VAL D 160 -31.81 -18.40 11.91
C VAL D 160 -33.02 -17.77 11.22
N ALA D 161 -33.07 -17.73 9.90
CA ALA D 161 -34.13 -17.04 9.19
C ALA D 161 -35.12 -17.97 8.50
N CYS D 162 -34.72 -19.19 8.20
CA CYS D 162 -35.61 -20.19 7.57
C CYS D 162 -34.90 -21.53 7.66
N ASP D 163 -35.43 -22.52 6.93
CA ASP D 163 -34.88 -23.86 7.06
C ASP D 163 -33.58 -24.05 6.28
N GLN D 164 -33.18 -23.08 5.47
CA GLN D 164 -31.89 -23.13 4.79
C GLN D 164 -30.95 -22.10 5.36
N LEU D 165 -29.66 -22.41 5.26
CA LEU D 165 -28.63 -21.44 5.57
C LEU D 165 -28.81 -20.20 4.70
N THR D 166 -28.74 -19.01 5.32
CA THR D 166 -28.81 -17.74 4.59
C THR D 166 -27.70 -16.84 5.10
N VAL D 167 -27.54 -15.68 4.45
CA VAL D 167 -26.51 -14.76 4.95
C VAL D 167 -26.84 -14.23 6.35
N ALA D 168 -28.09 -14.33 6.81
CA ALA D 168 -28.40 -13.87 8.16
C ALA D 168 -27.70 -14.72 9.22
N ASP D 169 -27.32 -15.96 8.90
CA ASP D 169 -26.62 -16.78 9.86
C ASP D 169 -25.20 -16.27 10.13
N PHE D 170 -24.60 -15.52 9.20
CA PHE D 170 -23.19 -15.17 9.30
C PHE D 170 -22.89 -14.05 10.30
N PRO D 171 -23.59 -12.91 10.28
CA PRO D 171 -23.33 -11.92 11.34
C PRO D 171 -23.62 -12.47 12.72
N ILE D 172 -24.67 -13.29 12.85
CA ILE D 172 -25.01 -13.86 14.15
C ILE D 172 -23.93 -14.82 14.64
N VAL D 173 -23.44 -15.72 13.77
CA VAL D 173 -22.40 -16.62 14.26
C VAL D 173 -21.11 -15.87 14.52
N ALA D 174 -20.84 -14.79 13.75
CA ALA D 174 -19.67 -13.97 14.05
C ALA D 174 -19.75 -13.39 15.46
N CYS D 175 -20.91 -12.86 15.83
CA CYS D 175 -21.10 -12.37 17.19
C CYS D 175 -21.06 -13.48 18.22
N MET D 176 -21.72 -14.60 17.93
CA MET D 176 -21.81 -15.68 18.90
C MET D 176 -20.43 -16.24 19.23
N SER D 177 -19.56 -16.36 18.23
CA SER D 177 -18.20 -16.84 18.43
C SER D 177 -17.31 -15.81 19.09
N THR D 178 -17.79 -14.56 19.20
CA THR D 178 -17.02 -13.51 19.88
C THR D 178 -17.38 -13.48 21.35
N VAL D 179 -18.65 -13.18 21.65
CA VAL D 179 -19.08 -13.05 23.03
C VAL D 179 -19.06 -14.40 23.72
N GLY D 180 -19.01 -15.48 22.94
CA GLY D 180 -18.94 -16.81 23.53
C GLY D 180 -17.72 -17.04 24.39
N MET D 181 -16.64 -16.28 24.11
CA MET D 181 -15.44 -16.30 24.95
C MET D 181 -15.73 -15.92 26.39
N VAL D 182 -16.68 -15.02 26.63
CA VAL D 182 -16.95 -14.51 27.97
C VAL D 182 -18.34 -14.89 28.48
N CYS D 183 -19.26 -15.27 27.61
N CYS D 183 -19.27 -15.23 27.60
CA CYS D 183 -20.61 -15.68 27.99
CA CYS D 183 -20.61 -15.68 27.98
C CYS D 183 -20.95 -16.94 27.19
C CYS D 183 -20.93 -16.94 27.18
N PRO D 184 -20.26 -18.06 27.46
CA PRO D 184 -20.38 -19.23 26.59
C PRO D 184 -21.80 -19.81 26.56
N LEU D 185 -22.12 -20.44 25.43
CA LEU D 185 -23.39 -21.12 25.26
C LEU D 185 -23.47 -22.37 26.12
N SER D 186 -24.51 -22.47 26.94
CA SER D 186 -24.81 -23.71 27.65
C SER D 186 -25.71 -24.59 26.78
N THR D 187 -25.30 -25.84 26.59
CA THR D 187 -26.10 -26.77 25.81
C THR D 187 -27.40 -27.11 26.51
N SER D 188 -27.39 -27.20 27.84
CA SER D 188 -28.62 -27.50 28.57
C SER D 188 -29.62 -26.36 28.48
N ARG D 189 -29.12 -25.11 28.48
CA ARG D 189 -29.99 -23.96 28.47
C ARG D 189 -30.46 -23.58 27.07
N TRP D 190 -29.58 -23.71 26.07
CA TRP D 190 -29.89 -23.31 24.69
C TRP D 190 -29.48 -24.43 23.74
N PRO D 191 -30.19 -25.56 23.75
CA PRO D 191 -29.74 -26.70 22.93
C PRO D 191 -29.85 -26.47 21.44
N LYS D 192 -30.91 -25.81 20.96
CA LYS D 192 -31.03 -25.54 19.53
C LYS D 192 -29.92 -24.61 19.05
N THR D 193 -29.62 -23.57 19.85
CA THR D 193 -28.58 -22.63 19.45
C THR D 193 -27.20 -23.29 19.49
N ALA D 194 -26.96 -24.12 20.50
CA ALA D 194 -25.70 -24.85 20.56
C ALA D 194 -25.52 -25.77 19.36
N ALA D 195 -26.58 -26.47 18.95
CA ALA D 195 -26.45 -27.38 17.80
C ALA D 195 -26.29 -26.61 16.50
N TRP D 196 -26.97 -25.47 16.38
CA TRP D 196 -26.80 -24.62 15.21
C TRP D 196 -25.37 -24.07 15.14
N PHE D 197 -24.81 -23.69 16.30
CA PHE D 197 -23.45 -23.16 16.36
C PHE D 197 -22.44 -24.21 15.90
N GLU D 198 -22.60 -25.46 16.37
CA GLU D 198 -21.76 -26.56 15.89
C GLU D 198 -21.91 -26.79 14.40
N THR D 199 -23.15 -26.72 13.89
CA THR D 199 -23.35 -26.83 12.44
C THR D 199 -22.58 -25.76 11.70
N MET D 200 -22.60 -24.53 12.21
CA MET D 200 -22.01 -23.42 11.50
C MET D 200 -20.49 -23.62 11.45
N LYS D 201 -19.93 -24.14 12.54
CA LYS D 201 -18.48 -24.36 12.64
C LYS D 201 -18.00 -25.40 11.62
N GLN D 202 -18.89 -26.22 11.10
CA GLN D 202 -18.51 -27.26 10.15
C GLN D 202 -18.45 -26.76 8.71
N LEU D 203 -18.90 -25.54 8.44
CA LEU D 203 -18.86 -25.02 7.08
C LEU D 203 -17.40 -24.92 6.62
N PRO D 204 -17.11 -25.24 5.35
CA PRO D 204 -15.71 -25.31 4.93
C PRO D 204 -14.97 -23.99 5.00
N TYR D 205 -15.69 -22.86 4.98
CA TYR D 205 -15.04 -21.55 5.02
C TYR D 205 -15.04 -20.92 6.41
N TYR D 206 -15.59 -21.61 7.41
CA TYR D 206 -15.68 -21.02 8.74
C TYR D 206 -14.30 -20.73 9.33
N GLN D 207 -13.34 -21.64 9.12
CA GLN D 207 -12.03 -21.49 9.76
C GLN D 207 -11.33 -20.22 9.28
N GLN D 208 -11.23 -20.03 7.97
CA GLN D 208 -10.45 -18.90 7.49
C GLN D 208 -11.24 -17.59 7.51
N ALA D 209 -12.57 -17.65 7.36
CA ALA D 209 -13.36 -16.42 7.36
C ALA D 209 -13.68 -15.93 8.76
N ASN D 210 -13.80 -16.83 9.74
CA ASN D 210 -14.22 -16.43 11.08
C ASN D 210 -13.25 -16.83 12.19
N GLN D 211 -12.80 -18.09 12.23
CA GLN D 211 -12.00 -18.51 13.38
C GLN D 211 -10.65 -17.80 13.46
N VAL D 212 -10.04 -17.49 12.32
CA VAL D 212 -8.77 -16.76 12.32
C VAL D 212 -8.90 -15.46 13.10
N GLY D 213 -9.95 -14.67 12.82
CA GLY D 213 -10.14 -13.41 13.52
C GLY D 213 -10.53 -13.58 14.97
N VAL D 214 -11.36 -14.60 15.28
CA VAL D 214 -11.67 -14.91 16.68
C VAL D 214 -10.40 -15.21 17.46
N ASP D 215 -9.50 -15.99 16.85
CA ASP D 215 -8.27 -16.37 17.55
C ASP D 215 -7.38 -15.15 17.80
N LYS D 216 -7.33 -14.21 16.84
CA LYS D 216 -6.56 -12.98 17.06
C LYS D 216 -7.15 -12.18 18.21
N LEU D 217 -8.48 -12.02 18.25
CA LEU D 217 -9.10 -11.32 19.36
C LEU D 217 -8.84 -12.06 20.68
N LYS D 218 -8.87 -13.40 20.64
CA LYS D 218 -8.59 -14.19 21.84
C LYS D 218 -7.19 -13.88 22.38
N GLU D 219 -6.21 -13.73 21.48
CA GLU D 219 -4.87 -13.34 21.92
C GLU D 219 -4.87 -11.97 22.57
N ARG D 220 -5.59 -11.01 21.98
CA ARG D 220 -5.70 -9.68 22.58
C ARG D 220 -6.39 -9.76 23.95
N LEU D 221 -7.38 -10.64 24.08
CA LEU D 221 -8.12 -10.75 25.34
C LEU D 221 -7.23 -11.26 26.46
N HIS D 222 -6.38 -12.26 26.18
CA HIS D 222 -5.43 -12.73 27.19
C HIS D 222 -4.45 -11.61 27.58
N ALA D 223 -3.97 -10.87 26.59
CA ALA D 223 -2.94 -9.85 26.84
C ALA D 223 -3.47 -8.74 27.73
N VAL D 224 -4.75 -8.37 27.57
CA VAL D 224 -5.31 -7.30 28.39
C VAL D 224 -5.51 -7.78 29.82
N MET D 225 -5.94 -9.02 30.00
CA MET D 225 -6.11 -9.58 31.34
C MET D 225 -4.89 -10.42 31.73
#